data_8DQF
#
_entry.id   8DQF
#
_cell.length_a   71.910
_cell.length_b   122.818
_cell.length_c   78.530
_cell.angle_alpha   90.000
_cell.angle_beta   117.260
_cell.angle_gamma   90.000
#
_symmetry.space_group_name_H-M   'P 1 21 1'
#
loop_
_entity.id
_entity.type
_entity.pdbx_description
1 polymer 'Carbonic anhydrase'
2 non-polymer N-(5-sulfamoyl-1,3,4-thiadiazol-2-yl)cyclohexanecarboxamide
3 non-polymer 'ZINC ION'
4 non-polymer 'SULFATE ION'
5 water water
#
_entity_poly.entity_id   1
_entity_poly.type   'polypeptide(L)'
_entity_poly.pdbx_seq_one_letter_code
;HHHHHHDSGLVPRGSHMHGNHTHWGYTGHDSPESWGNLSEEFRLCSTGKNQSPVNITETVSGKLPAIKVNYKPSMVDVEN
NGHTIQVNYPEGGNTLTVNGRTYTLKQFHFHVPSENQIKGRTFPMEAHFVHLDENKQPLVLAVLYEAGKTNGRLSSIWNV
MPMTAGKVKLNQPFDASTLLPKRLKYYRFAGSLTTPPCTEGVSWLVLKTYDHIDQAQAEKFTRAVGSENNRPVQPLNARV
VIE
;
_entity_poly.pdbx_strand_id   A,C,E,G
#
# COMPACT_ATOMS: atom_id res chain seq x y z
N THR A 22 -3.82 11.26 24.06
CA THR A 22 -4.78 10.17 24.43
C THR A 22 -4.17 8.82 24.05
N HIS A 23 -3.94 7.98 25.08
CA HIS A 23 -3.30 6.68 24.95
C HIS A 23 -4.10 5.85 23.94
N TRP A 24 -3.36 5.21 23.01
CA TRP A 24 -3.91 4.15 22.18
C TRP A 24 -2.83 3.12 21.87
N GLY A 25 -3.26 1.91 21.52
CA GLY A 25 -2.35 0.84 21.18
C GLY A 25 -3.08 -0.27 20.47
N TYR A 26 -2.50 -1.48 20.51
CA TYR A 26 -2.92 -2.62 19.69
C TYR A 26 -3.28 -3.84 20.52
N THR A 27 -3.17 -3.72 21.86
CA THR A 27 -3.52 -4.74 22.82
C THR A 27 -4.19 -4.09 24.04
N GLY A 28 -4.76 -4.93 24.93
CA GLY A 28 -5.48 -4.46 26.10
C GLY A 28 -6.75 -3.70 25.72
N HIS A 29 -7.01 -2.59 26.45
CA HIS A 29 -8.30 -1.91 26.51
C HIS A 29 -8.40 -0.76 25.50
N ASP A 30 -7.27 -0.29 24.99
CA ASP A 30 -7.27 0.77 23.99
C ASP A 30 -6.93 0.19 22.61
N SER A 31 -7.30 -1.07 22.37
CA SER A 31 -6.99 -1.73 21.11
C SER A 31 -7.86 -1.15 20.01
N PRO A 32 -7.52 -1.37 18.71
CA PRO A 32 -8.29 -0.85 17.57
C PRO A 32 -9.80 -0.98 17.59
N GLU A 33 -10.28 -2.14 18.05
CA GLU A 33 -11.71 -2.38 18.20
C GLU A 33 -12.33 -1.23 19.02
N SER A 34 -11.51 -0.39 19.70
CA SER A 34 -11.94 0.63 20.67
C SER A 34 -11.63 2.07 20.26
N TRP A 35 -10.64 2.26 19.36
CA TRP A 35 -10.16 3.58 18.97
C TRP A 35 -11.29 4.61 18.81
N GLY A 36 -12.43 4.18 18.25
CA GLY A 36 -13.53 5.08 17.95
C GLY A 36 -13.99 5.88 19.17
N ASN A 37 -14.00 5.22 20.35
CA ASN A 37 -14.62 5.77 21.55
C ASN A 37 -13.62 6.54 22.41
N LEU A 38 -12.30 6.31 22.19
CA LEU A 38 -11.26 6.89 23.04
C LEU A 38 -11.33 8.43 23.09
N SER A 39 -11.59 9.11 21.97
CA SER A 39 -12.01 10.50 21.98
C SER A 39 -12.96 10.73 20.82
N GLU A 40 -13.49 11.97 20.69
CA GLU A 40 -14.49 12.25 19.69
C GLU A 40 -13.82 12.58 18.35
N GLU A 41 -12.52 12.84 18.37
CA GLU A 41 -11.81 13.10 17.13
C GLU A 41 -11.22 11.80 16.56
N PHE A 42 -11.35 10.66 17.26
CA PHE A 42 -10.91 9.37 16.74
C PHE A 42 -12.05 8.61 16.05
N ARG A 43 -13.16 9.31 15.78
CA ARG A 43 -14.45 8.67 15.58
C ARG A 43 -14.57 7.99 14.21
N LEU A 44 -13.77 8.47 13.24
CA LEU A 44 -13.79 7.94 11.88
C LEU A 44 -13.12 6.57 11.91
N CYS A 45 -12.34 6.30 12.98
CA CYS A 45 -11.74 4.98 13.15
C CYS A 45 -12.81 3.91 13.17
N SER A 46 -14.00 4.22 13.72
CA SER A 46 -15.05 3.23 13.83
C SER A 46 -16.24 3.53 12.91
N THR A 47 -16.38 4.78 12.40
CA THR A 47 -17.53 5.09 11.55
C THR A 47 -17.14 5.17 10.08
N GLY A 48 -15.84 5.08 9.75
CA GLY A 48 -15.38 5.25 8.38
C GLY A 48 -15.82 4.09 7.50
N LYS A 49 -16.06 4.37 6.21
CA LYS A 49 -16.42 3.35 5.23
C LYS A 49 -15.29 3.11 4.21
N ASN A 50 -14.21 3.92 4.27
CA ASN A 50 -13.07 3.75 3.38
C ASN A 50 -11.81 3.70 4.21
N GLN A 51 -11.76 2.76 5.15
CA GLN A 51 -10.66 2.62 6.09
C GLN A 51 -9.64 1.64 5.54
N SER A 52 -8.37 1.87 5.92
CA SER A 52 -7.23 1.00 5.66
C SER A 52 -6.75 0.41 6.98
N PRO A 53 -6.07 -0.77 7.04
CA PRO A 53 -5.74 -1.61 5.88
C PRO A 53 -6.91 -2.46 5.36
N VAL A 54 -6.63 -3.26 4.31
CA VAL A 54 -7.61 -4.12 3.68
C VAL A 54 -6.97 -5.47 3.31
N ASN A 55 -7.83 -6.49 3.11
CA ASN A 55 -7.46 -7.73 2.43
C ASN A 55 -7.76 -7.58 0.93
N ILE A 56 -6.70 -7.56 0.10
CA ILE A 56 -6.84 -7.47 -1.34
C ILE A 56 -7.15 -8.86 -1.90
N THR A 57 -8.43 -9.10 -2.23
CA THR A 57 -8.86 -10.41 -2.76
C THR A 57 -9.22 -10.21 -4.23
N GLU A 58 -10.47 -9.82 -4.48
CA GLU A 58 -10.86 -9.50 -5.84
C GLU A 58 -10.39 -8.10 -6.23
N THR A 59 -9.94 -8.00 -7.49
CA THR A 59 -9.34 -6.78 -8.02
C THR A 59 -9.89 -6.52 -9.42
N VAL A 60 -9.55 -5.36 -9.98
CA VAL A 60 -9.94 -5.02 -11.33
C VAL A 60 -8.68 -4.71 -12.10
N SER A 61 -8.42 -5.44 -13.17
CA SER A 61 -7.20 -5.22 -13.93
C SER A 61 -7.32 -3.95 -14.77
N GLY A 62 -6.46 -2.95 -14.50
CA GLY A 62 -6.46 -1.69 -15.22
C GLY A 62 -5.05 -1.24 -15.60
N LYS A 63 -4.96 -0.19 -16.42
CA LYS A 63 -3.66 0.33 -16.84
C LYS A 63 -3.31 1.51 -15.92
N LEU A 64 -2.57 1.21 -14.85
CA LEU A 64 -2.24 2.21 -13.86
C LEU A 64 -1.06 3.02 -14.35
N PRO A 65 -0.96 4.31 -13.98
CA PRO A 65 0.18 5.14 -14.40
C PRO A 65 1.44 4.70 -13.67
N ALA A 66 2.60 4.90 -14.31
CA ALA A 66 3.88 4.44 -13.80
C ALA A 66 4.29 5.25 -12.57
N ILE A 67 4.88 4.56 -11.56
CA ILE A 67 5.59 5.25 -10.48
C ILE A 67 6.99 5.59 -10.98
N LYS A 68 7.37 6.88 -10.86
CA LYS A 68 8.73 7.35 -11.02
C LYS A 68 9.28 7.72 -9.64
N VAL A 69 10.33 7.03 -9.17
CA VAL A 69 10.89 7.32 -7.86
C VAL A 69 12.10 8.25 -8.02
N ASN A 70 12.15 9.24 -7.12
CA ASN A 70 13.21 10.25 -7.07
C ASN A 70 13.66 10.33 -5.62
N TYR A 71 14.23 9.21 -5.13
CA TYR A 71 14.80 9.09 -3.80
C TYR A 71 16.32 9.24 -3.90
N LYS A 72 16.93 9.83 -2.86
CA LYS A 72 18.36 9.94 -2.76
C LYS A 72 18.77 9.91 -1.28
N PRO A 73 20.08 9.70 -1.01
CA PRO A 73 20.56 9.74 0.37
C PRO A 73 20.33 11.10 1.00
N SER A 74 19.92 11.07 2.27
CA SER A 74 19.56 12.24 3.03
C SER A 74 19.86 11.98 4.49
N MET A 75 19.92 13.06 5.26
CA MET A 75 20.21 12.96 6.68
C MET A 75 18.89 12.81 7.43
N VAL A 76 18.52 11.53 7.63
CA VAL A 76 17.32 11.12 8.35
C VAL A 76 17.62 11.04 9.83
N ASP A 77 16.56 10.93 10.64
CA ASP A 77 16.73 10.43 12.00
C ASP A 77 15.57 9.51 12.39
N VAL A 78 15.83 8.67 13.40
CA VAL A 78 15.15 7.41 13.60
C VAL A 78 14.45 7.46 14.96
N GLU A 79 13.14 7.23 14.93
CA GLU A 79 12.29 7.50 16.07
C GLU A 79 11.45 6.28 16.44
N ASN A 80 11.45 5.96 17.74
CA ASN A 80 10.46 5.09 18.35
C ASN A 80 9.41 5.99 18.98
N ASN A 81 8.22 6.10 18.35
CA ASN A 81 7.18 6.98 18.84
C ASN A 81 6.22 6.20 19.75
N GLY A 82 6.56 4.94 20.07
CA GLY A 82 5.72 4.13 20.92
C GLY A 82 4.84 3.13 20.15
N HIS A 83 4.52 3.44 18.89
CA HIS A 83 3.64 2.58 18.10
C HIS A 83 4.40 1.93 16.93
N THR A 84 5.43 2.61 16.39
CA THR A 84 6.22 2.09 15.26
C THR A 84 7.65 2.62 15.36
N ILE A 85 8.53 2.07 14.53
CA ILE A 85 9.86 2.64 14.33
C ILE A 85 9.83 3.40 13.00
N GLN A 86 10.24 4.67 13.08
CA GLN A 86 9.92 5.65 12.06
C GLN A 86 11.21 6.32 11.62
N VAL A 87 11.33 6.60 10.33
CA VAL A 87 12.49 7.31 9.81
C VAL A 87 12.01 8.63 9.21
N ASN A 88 12.42 9.74 9.85
CA ASN A 88 11.89 11.06 9.58
C ASN A 88 12.83 11.81 8.64
N TYR A 89 12.22 12.50 7.67
CA TYR A 89 12.94 13.26 6.64
C TYR A 89 12.73 14.76 6.86
N PRO A 90 13.60 15.46 7.61
CA PRO A 90 13.49 16.91 7.78
C PRO A 90 13.32 17.72 6.50
N GLU A 91 13.94 17.30 5.38
CA GLU A 91 13.94 18.05 4.13
C GLU A 91 13.20 17.28 3.03
N GLY A 92 12.70 18.01 2.01
CA GLY A 92 12.14 17.43 0.78
C GLY A 92 13.17 16.56 0.05
N GLY A 93 13.20 16.64 -1.28
CA GLY A 93 14.30 16.03 -2.03
C GLY A 93 14.15 14.55 -2.37
N ASN A 94 13.42 13.80 -1.53
CA ASN A 94 12.96 12.46 -1.85
C ASN A 94 11.51 12.50 -2.29
N THR A 95 11.25 12.36 -3.60
CA THR A 95 9.90 12.49 -4.11
C THR A 95 9.51 11.25 -4.92
N LEU A 96 8.29 11.35 -5.48
CA LEU A 96 7.58 10.29 -6.16
C LEU A 96 6.68 10.95 -7.19
N THR A 97 6.74 10.49 -8.44
CA THR A 97 5.85 11.09 -9.43
C THR A 97 4.89 10.01 -9.92
N VAL A 98 3.59 10.27 -9.78
CA VAL A 98 2.60 9.39 -10.36
C VAL A 98 1.51 10.21 -11.03
N ASN A 99 1.38 10.01 -12.35
CA ASN A 99 0.33 10.61 -13.14
C ASN A 99 0.41 12.13 -13.00
N GLY A 100 1.61 12.71 -13.13
CA GLY A 100 1.74 14.17 -13.15
C GLY A 100 2.02 14.79 -11.79
N ARG A 101 1.30 14.38 -10.73
CA ARG A 101 1.50 14.93 -9.38
C ARG A 101 2.78 14.39 -8.74
N THR A 102 3.50 15.29 -8.04
CA THR A 102 4.70 14.94 -7.28
C THR A 102 4.41 14.93 -5.78
N TYR A 103 4.95 13.91 -5.11
CA TYR A 103 4.59 13.53 -3.75
C TYR A 103 5.89 13.41 -2.95
N THR A 104 5.98 14.19 -1.86
CA THR A 104 7.22 14.33 -1.12
C THR A 104 7.20 13.40 0.09
N LEU A 105 8.32 12.68 0.26
CA LEU A 105 8.48 11.72 1.33
C LEU A 105 8.70 12.45 2.65
N LYS A 106 7.83 12.17 3.62
CA LYS A 106 7.86 12.83 4.92
C LYS A 106 8.58 11.92 5.91
N GLN A 107 8.14 10.66 5.98
CA GLN A 107 8.75 9.64 6.80
C GLN A 107 8.39 8.27 6.23
N PHE A 108 9.09 7.21 6.68
CA PHE A 108 8.68 5.82 6.51
C PHE A 108 8.78 5.09 7.85
N HIS A 109 8.00 3.99 7.95
CA HIS A 109 7.80 3.31 9.21
C HIS A 109 7.25 1.91 8.95
N PHE A 110 7.04 1.13 10.01
CA PHE A 110 6.94 -0.31 9.79
C PHE A 110 5.87 -0.90 10.68
N HIS A 111 5.20 -1.91 10.13
CA HIS A 111 4.26 -2.70 10.91
C HIS A 111 4.72 -4.15 10.88
N VAL A 112 4.80 -4.74 12.07
CA VAL A 112 5.09 -6.15 12.24
C VAL A 112 4.01 -6.77 13.12
N PRO A 113 3.16 -7.68 12.59
CA PRO A 113 3.24 -8.12 11.19
C PRO A 113 2.54 -7.15 10.24
N SER A 114 2.42 -7.56 8.96
CA SER A 114 1.84 -6.72 7.93
C SER A 114 0.40 -6.36 8.29
N GLU A 115 -0.02 -5.15 7.85
CA GLU A 115 -1.35 -4.65 8.14
C GLU A 115 -2.34 -5.08 7.04
N ASN A 116 -2.00 -4.72 5.79
CA ASN A 116 -2.70 -5.15 4.59
C ASN A 116 -2.36 -6.61 4.29
N GLN A 117 -3.26 -7.28 3.55
CA GLN A 117 -3.10 -8.67 3.15
C GLN A 117 -3.35 -8.85 1.64
N ILE A 118 -2.72 -9.86 1.04
CA ILE A 118 -3.04 -10.36 -0.29
C ILE A 118 -3.66 -11.75 -0.12
N LYS A 119 -4.91 -11.89 -0.62
CA LYS A 119 -5.66 -13.14 -0.58
C LYS A 119 -5.56 -13.82 0.80
N GLY A 120 -5.76 -13.02 1.87
CA GLY A 120 -5.81 -13.54 3.21
C GLY A 120 -4.42 -13.75 3.82
N ARG A 121 -3.36 -13.50 3.05
CA ARG A 121 -1.98 -13.75 3.49
C ARG A 121 -1.40 -12.52 4.18
N THR A 122 -0.91 -12.70 5.41
CA THR A 122 -0.22 -11.67 6.17
C THR A 122 1.28 -11.91 6.07
N PHE A 123 2.05 -10.84 5.82
CA PHE A 123 3.48 -10.98 5.61
C PHE A 123 4.19 -10.70 6.92
N PRO A 124 5.46 -11.18 7.13
CA PRO A 124 6.19 -10.88 8.37
C PRO A 124 6.29 -9.38 8.67
N MET A 125 6.33 -8.54 7.62
CA MET A 125 6.49 -7.11 7.86
C MET A 125 6.04 -6.26 6.67
N GLU A 126 5.70 -5.01 6.99
CA GLU A 126 5.26 -4.03 6.02
C GLU A 126 5.86 -2.66 6.33
N ALA A 127 6.28 -1.95 5.28
CA ALA A 127 6.83 -0.59 5.35
C ALA A 127 5.84 0.39 4.72
N HIS A 128 5.85 1.64 5.19
CA HIS A 128 4.94 2.68 4.72
C HIS A 128 5.74 3.95 4.47
N PHE A 129 5.78 4.35 3.17
CA PHE A 129 6.37 5.59 2.74
C PHE A 129 5.23 6.59 2.53
N VAL A 130 5.23 7.59 3.41
CA VAL A 130 4.12 8.52 3.56
C VAL A 130 4.55 9.87 2.96
N HIS A 131 3.76 10.32 1.98
CA HIS A 131 4.08 11.47 1.16
C HIS A 131 2.98 12.51 1.30
N LEU A 132 3.26 13.75 0.87
CA LEU A 132 2.26 14.79 0.65
C LEU A 132 2.55 15.50 -0.67
N ASP A 133 1.55 15.71 -1.53
CA ASP A 133 1.74 16.56 -2.70
C ASP A 133 1.67 18.01 -2.27
N GLU A 134 1.66 18.93 -3.26
CA GLU A 134 1.72 20.37 -2.99
C GLU A 134 0.42 20.87 -2.38
N ASN A 135 -0.66 20.05 -2.46
CA ASN A 135 -1.96 20.32 -1.87
C ASN A 135 -2.18 19.54 -0.56
N LYS A 136 -1.14 18.87 -0.06
CA LYS A 136 -1.23 18.06 1.14
C LYS A 136 -2.18 16.87 0.96
N GLN A 137 -2.30 16.34 -0.27
CA GLN A 137 -3.06 15.10 -0.50
C GLN A 137 -2.15 13.93 -0.18
N PRO A 138 -2.44 13.13 0.87
CA PRO A 138 -1.53 12.08 1.31
C PRO A 138 -1.47 10.81 0.43
N LEU A 139 -0.26 10.32 0.19
CA LEU A 139 -0.05 9.06 -0.51
C LEU A 139 0.85 8.15 0.35
N VAL A 140 0.39 6.93 0.59
CA VAL A 140 1.19 5.90 1.24
C VAL A 140 1.63 4.87 0.20
N LEU A 141 2.95 4.65 0.15
CA LEU A 141 3.57 3.63 -0.68
C LEU A 141 4.03 2.49 0.22
N ALA A 142 3.37 1.34 0.04
CA ALA A 142 3.61 0.20 0.90
C ALA A 142 4.48 -0.84 0.19
N VAL A 143 5.42 -1.42 0.97
CA VAL A 143 6.25 -2.53 0.57
C VAL A 143 5.99 -3.66 1.56
N LEU A 144 5.86 -4.90 1.00
CA LEU A 144 5.57 -6.10 1.76
C LEU A 144 6.78 -7.03 1.77
N TYR A 145 7.16 -7.49 2.98
CA TYR A 145 8.41 -8.19 3.22
C TYR A 145 8.11 -9.62 3.61
N GLU A 146 8.59 -10.57 2.81
CA GLU A 146 8.43 -11.97 3.10
C GLU A 146 9.64 -12.46 3.88
N ALA A 147 9.48 -13.63 4.53
CA ALA A 147 10.55 -14.21 5.33
C ALA A 147 11.68 -14.59 4.38
N GLY A 148 12.93 -14.60 4.89
CA GLY A 148 14.09 -14.87 4.06
C GLY A 148 15.38 -14.53 4.79
N LYS A 149 16.38 -14.10 4.00
CA LYS A 149 17.68 -13.71 4.51
C LYS A 149 17.60 -12.31 5.13
N THR A 150 18.62 -11.96 5.93
CA THR A 150 18.72 -10.66 6.56
C THR A 150 18.60 -9.56 5.50
N ASN A 151 17.93 -8.47 5.85
CA ASN A 151 17.85 -7.30 5.00
C ASN A 151 19.03 -6.38 5.30
N GLY A 152 20.00 -6.39 4.38
CA GLY A 152 21.24 -5.65 4.56
C GLY A 152 21.06 -4.14 4.42
N ARG A 153 20.06 -3.73 3.61
CA ARG A 153 19.78 -2.33 3.34
C ARG A 153 19.06 -1.67 4.53
N LEU A 154 18.47 -2.46 5.43
CA LEU A 154 17.78 -1.99 6.62
C LEU A 154 18.68 -2.04 7.86
N SER A 155 19.81 -2.76 7.76
CA SER A 155 20.68 -3.03 8.88
C SER A 155 21.11 -1.72 9.57
N SER A 156 21.20 -0.66 8.77
CA SER A 156 21.67 0.64 9.20
C SER A 156 20.70 1.32 10.17
N ILE A 157 19.39 1.06 9.97
CA ILE A 157 18.28 1.57 10.79
C ILE A 157 18.07 0.69 12.03
N TRP A 158 18.18 -0.62 11.84
CA TRP A 158 18.04 -1.56 12.93
C TRP A 158 19.13 -1.35 13.98
N ASN A 159 20.33 -0.95 13.57
CA ASN A 159 21.46 -0.78 14.47
C ASN A 159 21.18 0.27 15.54
N VAL A 160 20.64 1.43 15.14
CA VAL A 160 20.41 2.54 16.05
C VAL A 160 18.95 2.56 16.51
N MET A 161 18.15 1.58 16.09
CA MET A 161 16.73 1.51 16.43
C MET A 161 16.55 1.81 17.92
N PRO A 162 15.91 2.96 18.30
CA PRO A 162 15.59 3.24 19.70
C PRO A 162 14.65 2.19 20.27
N MET A 163 15.03 1.62 21.43
CA MET A 163 14.32 0.47 21.97
C MET A 163 13.32 0.95 23.04
N THR A 164 13.25 2.27 23.23
CA THR A 164 12.14 2.91 23.93
C THR A 164 11.75 4.17 23.18
N ALA A 165 10.68 4.82 23.64
CA ALA A 165 10.30 6.11 23.07
C ALA A 165 11.56 6.99 23.02
N GLY A 166 11.89 7.50 21.83
CA GLY A 166 13.02 8.41 21.68
C GLY A 166 13.51 8.56 20.23
N LYS A 167 14.44 9.50 20.05
CA LYS A 167 14.93 9.91 18.75
C LYS A 167 16.45 9.82 18.73
N VAL A 168 17.02 9.15 17.73
CA VAL A 168 18.46 9.20 17.49
C VAL A 168 18.64 9.72 16.07
N LYS A 169 19.62 10.60 15.92
CA LYS A 169 19.90 11.26 14.66
C LYS A 169 21.12 10.58 14.07
N LEU A 170 20.96 10.03 12.88
CA LEU A 170 21.92 9.15 12.24
C LEU A 170 23.03 9.98 11.57
N ASN A 171 24.30 9.70 11.93
CA ASN A 171 25.51 10.31 11.38
C ASN A 171 25.71 10.11 9.88
N GLN A 172 25.31 8.94 9.36
CA GLN A 172 25.63 8.55 8.00
C GLN A 172 24.36 8.73 7.17
N PRO A 173 24.47 9.31 5.97
CA PRO A 173 23.30 9.52 5.14
C PRO A 173 22.66 8.18 4.80
N PHE A 174 21.31 8.19 4.70
CA PHE A 174 20.51 7.03 4.39
C PHE A 174 19.77 7.23 3.07
N ASP A 175 19.72 6.13 2.29
CA ASP A 175 19.28 6.12 0.91
C ASP A 175 18.08 5.17 0.79
N ALA A 176 16.86 5.72 0.82
CA ALA A 176 15.65 4.92 0.74
C ALA A 176 15.46 4.32 -0.65
N SER A 177 16.18 4.88 -1.64
CA SER A 177 16.15 4.33 -3.00
C SER A 177 16.39 2.82 -2.97
N THR A 178 17.26 2.40 -2.03
CA THR A 178 17.65 1.01 -1.83
C THR A 178 16.52 0.17 -1.24
N LEU A 179 15.47 0.79 -0.67
CA LEU A 179 14.37 0.04 -0.08
C LEU A 179 13.20 -0.19 -1.06
N LEU A 180 13.30 0.32 -2.29
CA LEU A 180 12.25 0.10 -3.29
C LEU A 180 12.71 -0.83 -4.41
N PRO A 181 11.80 -1.65 -4.98
CA PRO A 181 12.13 -2.45 -6.16
C PRO A 181 12.43 -1.64 -7.41
N LYS A 182 13.17 -2.28 -8.33
CA LYS A 182 13.29 -1.78 -9.68
C LYS A 182 11.95 -2.01 -10.42
N ARG A 183 11.23 -3.11 -10.09
CA ARG A 183 9.91 -3.40 -10.65
C ARG A 183 8.81 -2.86 -9.73
N LEU A 184 7.97 -1.93 -10.25
CA LEU A 184 7.09 -1.06 -9.47
C LEU A 184 5.60 -1.19 -9.84
N LYS A 185 5.15 -2.37 -10.27
CA LYS A 185 3.72 -2.58 -10.41
C LYS A 185 3.12 -2.51 -9.00
N TYR A 186 1.85 -2.07 -8.92
CA TYR A 186 1.20 -1.86 -7.64
C TYR A 186 -0.30 -2.16 -7.72
N TYR A 187 -0.89 -2.35 -6.52
CA TYR A 187 -2.33 -2.28 -6.31
C TYR A 187 -2.71 -0.86 -5.86
N ARG A 188 -3.82 -0.34 -6.41
CA ARG A 188 -4.28 1.03 -6.18
C ARG A 188 -5.73 1.00 -5.69
N PHE A 189 -5.91 1.47 -4.45
CA PHE A 189 -7.20 1.70 -3.83
C PHE A 189 -7.13 3.01 -3.03
N ALA A 190 -8.27 3.49 -2.52
CA ALA A 190 -8.29 4.69 -1.70
C ALA A 190 -8.69 4.30 -0.29
N GLY A 191 -8.11 4.98 0.70
CA GLY A 191 -8.29 4.50 2.05
C GLY A 191 -8.11 5.62 3.08
N SER A 192 -7.35 5.27 4.11
CA SER A 192 -7.25 6.05 5.33
C SER A 192 -5.88 5.78 5.97
N LEU A 193 -5.61 6.48 7.07
CA LEU A 193 -4.49 6.15 7.92
C LEU A 193 -4.90 4.90 8.68
N THR A 194 -3.95 4.06 9.08
CA THR A 194 -4.24 2.90 9.89
C THR A 194 -4.05 3.24 11.38
N THR A 195 -3.84 4.53 11.70
CA THR A 195 -3.66 4.95 13.08
C THR A 195 -4.48 6.21 13.34
N PRO A 196 -5.06 6.36 14.57
CA PRO A 196 -5.91 7.50 14.92
C PRO A 196 -5.32 8.84 14.55
N PRO A 197 -6.06 9.81 13.94
CA PRO A 197 -7.52 9.75 13.77
C PRO A 197 -8.12 8.94 12.61
N CYS A 198 -7.31 8.03 12.03
CA CYS A 198 -7.77 7.19 10.94
C CYS A 198 -8.33 8.05 9.80
N THR A 199 -7.54 9.05 9.40
CA THR A 199 -8.01 10.09 8.47
C THR A 199 -8.16 9.49 7.07
N GLU A 200 -9.28 9.78 6.41
CA GLU A 200 -9.54 9.24 5.07
C GLU A 200 -8.99 10.22 4.02
N GLY A 201 -9.07 9.82 2.74
CA GLY A 201 -8.57 10.61 1.64
C GLY A 201 -7.10 10.35 1.33
N VAL A 202 -6.64 9.18 1.79
CA VAL A 202 -5.28 8.70 1.58
C VAL A 202 -5.26 7.76 0.38
N SER A 203 -4.35 8.03 -0.57
CA SER A 203 -4.08 7.14 -1.70
C SER A 203 -3.13 6.02 -1.28
N TRP A 204 -3.47 4.77 -1.63
CA TRP A 204 -2.68 3.60 -1.30
C TRP A 204 -2.17 2.92 -2.58
N LEU A 205 -0.86 3.03 -2.81
CA LEU A 205 -0.14 2.22 -3.77
C LEU A 205 0.55 1.09 -3.00
N VAL A 206 0.20 -0.16 -3.33
CA VAL A 206 0.76 -1.32 -2.64
C VAL A 206 1.55 -2.18 -3.64
N LEU A 207 2.87 -2.16 -3.46
CA LEU A 207 3.79 -2.74 -4.41
C LEU A 207 3.70 -4.26 -4.34
N LYS A 208 3.96 -4.93 -5.50
CA LYS A 208 3.75 -6.35 -5.68
C LYS A 208 5.04 -7.15 -5.51
N THR A 209 6.17 -6.54 -5.86
CA THR A 209 7.47 -7.19 -5.68
C THR A 209 7.85 -7.04 -4.20
N TYR A 210 7.92 -8.20 -3.54
CA TYR A 210 8.19 -8.29 -2.12
C TYR A 210 9.71 -8.18 -1.87
N ASP A 211 10.06 -7.61 -0.71
CA ASP A 211 11.40 -7.59 -0.12
C ASP A 211 11.42 -8.69 0.93
N HIS A 212 12.51 -8.80 1.70
CA HIS A 212 12.71 -9.92 2.63
C HIS A 212 13.16 -9.46 4.04
N ILE A 213 12.81 -10.24 5.09
CA ILE A 213 13.41 -10.06 6.41
C ILE A 213 13.71 -11.41 7.09
N ASP A 214 14.88 -11.45 7.72
CA ASP A 214 15.24 -12.29 8.85
C ASP A 214 14.15 -12.28 9.91
N GLN A 215 14.00 -13.43 10.62
CA GLN A 215 13.13 -13.51 11.78
C GLN A 215 13.71 -12.68 12.94
N ALA A 216 15.04 -12.56 13.03
CA ALA A 216 15.67 -11.81 14.11
C ALA A 216 15.40 -10.31 13.98
N GLN A 217 15.45 -9.77 12.75
CA GLN A 217 15.12 -8.36 12.54
C GLN A 217 13.70 -8.04 13.00
N ALA A 218 12.75 -8.98 12.81
CA ALA A 218 11.34 -8.77 13.16
C ALA A 218 11.11 -8.91 14.66
N GLU A 219 11.78 -9.86 15.32
CA GLU A 219 11.63 -9.96 16.77
C GLU A 219 12.10 -8.64 17.40
N LYS A 220 13.23 -8.10 16.91
CA LYS A 220 13.88 -6.92 17.48
C LYS A 220 13.03 -5.67 17.31
N PHE A 221 12.41 -5.49 16.13
CA PHE A 221 11.41 -4.45 15.92
C PHE A 221 10.36 -4.50 17.03
N THR A 222 9.77 -5.70 17.19
CA THR A 222 8.69 -5.94 18.13
C THR A 222 9.13 -5.65 19.57
N ARG A 223 10.35 -6.06 19.96
CA ARG A 223 10.92 -5.67 21.26
C ARG A 223 10.84 -4.15 21.44
N ALA A 224 11.28 -3.42 20.40
CA ALA A 224 11.41 -1.99 20.44
C ALA A 224 10.05 -1.35 20.71
N VAL A 225 9.07 -1.74 19.88
CA VAL A 225 7.73 -1.16 19.86
C VAL A 225 6.87 -1.72 21.01
N GLY A 226 7.06 -2.99 21.36
CA GLY A 226 6.42 -3.56 22.53
C GLY A 226 5.16 -4.37 22.21
N SER A 227 4.78 -4.47 20.92
CA SER A 227 3.68 -5.31 20.51
C SER A 227 3.62 -5.47 18.99
N GLU A 228 2.72 -6.36 18.57
CA GLU A 228 2.37 -6.47 17.16
C GLU A 228 1.59 -5.20 16.87
N ASN A 229 1.97 -4.43 15.83
CA ASN A 229 1.48 -3.06 15.64
C ASN A 229 0.71 -2.94 14.33
N ASN A 230 -0.11 -3.96 14.05
CA ASN A 230 -0.91 -4.01 12.84
C ASN A 230 -2.37 -3.84 13.22
N ARG A 231 -3.08 -2.89 12.58
CA ARG A 231 -4.51 -2.72 12.74
C ARG A 231 -5.22 -3.80 11.92
N PRO A 232 -6.25 -4.47 12.46
CA PRO A 232 -7.00 -5.46 11.67
C PRO A 232 -7.58 -4.84 10.39
N VAL A 233 -7.67 -5.66 9.33
CA VAL A 233 -8.16 -5.25 8.01
C VAL A 233 -9.61 -4.81 8.14
N GLN A 234 -9.98 -3.84 7.30
CA GLN A 234 -11.28 -3.20 7.32
C GLN A 234 -12.03 -3.53 6.03
N PRO A 235 -13.38 -3.51 6.05
CA PRO A 235 -14.16 -3.82 4.85
C PRO A 235 -13.89 -2.82 3.73
N LEU A 236 -13.75 -3.34 2.51
CA LEU A 236 -13.61 -2.53 1.31
C LEU A 236 -14.89 -1.71 1.07
N ASN A 237 -16.02 -2.26 1.53
CA ASN A 237 -17.32 -1.68 1.26
C ASN A 237 -17.40 -1.48 -0.25
N ALA A 238 -17.46 -0.22 -0.73
CA ALA A 238 -17.76 0.10 -2.13
C ALA A 238 -16.51 0.12 -3.01
N ARG A 239 -15.34 -0.18 -2.43
CA ARG A 239 -14.07 0.15 -3.06
C ARG A 239 -13.61 -0.99 -3.96
N VAL A 240 -13.08 -0.59 -5.12
CA VAL A 240 -12.42 -1.51 -6.03
C VAL A 240 -10.91 -1.33 -5.85
N VAL A 241 -10.19 -2.45 -5.85
CA VAL A 241 -8.73 -2.42 -5.87
C VAL A 241 -8.33 -2.65 -7.32
N ILE A 242 -7.63 -1.67 -7.91
CA ILE A 242 -7.08 -1.88 -9.24
C ILE A 242 -5.73 -2.59 -9.08
N GLU A 243 -5.38 -3.40 -10.08
CA GLU A 243 -4.06 -4.01 -10.20
C GLU A 243 -3.58 -3.91 -11.67
N THR B 22 18.30 30.99 -14.66
CA THR B 22 17.01 30.37 -14.26
C THR B 22 17.20 29.69 -12.90
N HIS B 23 16.18 29.78 -12.04
CA HIS B 23 16.24 29.23 -10.70
C HIS B 23 16.33 27.71 -10.83
N TRP B 24 17.14 27.11 -9.93
CA TRP B 24 17.24 25.66 -9.80
C TRP B 24 17.61 25.32 -8.36
N GLY B 25 17.39 24.08 -7.94
CA GLY B 25 17.70 23.66 -6.58
C GLY B 25 17.44 22.18 -6.39
N TYR B 26 17.20 21.78 -5.13
CA TYR B 26 17.28 20.38 -4.70
C TYR B 26 15.92 19.90 -4.19
N THR B 27 14.98 20.85 -4.05
CA THR B 27 13.60 20.53 -3.69
C THR B 27 12.65 21.37 -4.57
N GLY B 28 11.39 20.92 -4.68
CA GLY B 28 10.32 21.70 -5.27
C GLY B 28 10.16 21.43 -6.77
N HIS B 29 9.68 22.46 -7.48
CA HIS B 29 9.47 22.42 -8.92
C HIS B 29 10.80 22.45 -9.68
N ASP B 30 11.83 23.03 -9.05
CA ASP B 30 13.10 23.26 -9.73
C ASP B 30 14.10 22.16 -9.34
N SER B 31 13.59 21.03 -8.81
CA SER B 31 14.43 19.96 -8.28
C SER B 31 15.09 19.17 -9.42
N PRO B 32 16.10 18.32 -9.13
CA PRO B 32 17.01 17.76 -10.15
C PRO B 32 16.45 16.94 -11.31
N GLU B 33 15.37 16.19 -11.04
CA GLU B 33 14.55 15.49 -12.03
C GLU B 33 13.92 16.48 -13.03
N SER B 34 13.88 17.78 -12.66
CA SER B 34 13.18 18.81 -13.42
C SER B 34 14.15 19.76 -14.12
N TRP B 35 15.45 19.62 -13.82
CA TRP B 35 16.49 20.52 -14.30
C TRP B 35 16.44 20.64 -15.83
N GLY B 36 16.33 19.50 -16.52
CA GLY B 36 16.37 19.45 -17.96
C GLY B 36 15.23 20.21 -18.65
N ASN B 37 14.15 20.52 -17.91
CA ASN B 37 12.97 21.12 -18.52
C ASN B 37 12.84 22.60 -18.12
N LEU B 38 13.83 23.15 -17.42
CA LEU B 38 13.74 24.50 -16.90
C LEU B 38 14.29 25.51 -17.89
N SER B 39 15.10 25.03 -18.85
CA SER B 39 15.83 25.89 -19.76
C SER B 39 16.48 25.04 -20.85
N GLU B 40 16.38 25.43 -22.13
CA GLU B 40 17.04 24.67 -23.18
C GLU B 40 18.55 24.57 -22.88
N GLU B 41 19.12 25.57 -22.19
CA GLU B 41 20.53 25.56 -21.81
C GLU B 41 20.82 24.40 -20.85
N PHE B 42 19.83 23.94 -20.05
CA PHE B 42 20.04 22.88 -19.07
C PHE B 42 19.61 21.51 -19.60
N ARG B 43 19.41 21.39 -20.92
CA ARG B 43 18.71 20.24 -21.48
C ARG B 43 19.48 18.97 -21.15
N LEU B 44 20.81 19.10 -21.05
CA LEU B 44 21.74 17.99 -20.95
C LEU B 44 21.72 17.37 -19.56
N CYS B 45 21.12 18.07 -18.58
CA CYS B 45 21.00 17.54 -17.22
C CYS B 45 20.17 16.26 -17.24
N SER B 46 19.35 16.06 -18.28
CA SER B 46 18.46 14.91 -18.29
C SER B 46 18.65 14.01 -19.52
N THR B 47 19.08 14.55 -20.68
CA THR B 47 19.37 13.74 -21.85
C THR B 47 20.80 13.18 -21.83
N GLY B 48 21.71 13.85 -21.10
CA GLY B 48 23.12 13.47 -21.05
C GLY B 48 23.36 12.02 -20.66
N LYS B 49 24.47 11.43 -21.16
CA LYS B 49 24.74 10.02 -21.00
C LYS B 49 26.10 9.79 -20.31
N ASN B 50 26.82 10.89 -20.03
CA ASN B 50 28.10 10.84 -19.35
C ASN B 50 28.03 11.76 -18.13
N GLN B 51 27.02 11.55 -17.27
CA GLN B 51 26.66 12.52 -16.24
C GLN B 51 27.30 12.16 -14.90
N SER B 52 27.63 13.21 -14.11
CA SER B 52 28.06 13.06 -12.73
C SER B 52 26.96 13.56 -11.78
N PRO B 53 26.86 13.04 -10.53
CA PRO B 53 27.80 12.08 -9.96
C PRO B 53 27.37 10.63 -10.20
N VAL B 54 28.16 9.70 -9.68
CA VAL B 54 27.99 8.28 -9.97
C VAL B 54 28.32 7.43 -8.73
N ASN B 55 27.78 6.20 -8.74
CA ASN B 55 28.12 5.17 -7.79
C ASN B 55 29.27 4.31 -8.34
N ILE B 56 30.43 4.33 -7.67
CA ILE B 56 31.61 3.60 -8.16
C ILE B 56 31.55 2.17 -7.64
N THR B 57 31.22 1.22 -8.54
CA THR B 57 31.07 -0.19 -8.19
C THR B 57 32.19 -1.02 -8.83
N GLU B 58 31.94 -1.55 -10.04
CA GLU B 58 32.93 -2.37 -10.74
C GLU B 58 33.94 -1.46 -11.46
N THR B 59 35.21 -1.61 -11.07
CA THR B 59 36.31 -0.79 -11.55
C THR B 59 37.18 -1.62 -12.48
N VAL B 60 38.10 -0.97 -13.18
CA VAL B 60 39.14 -1.61 -13.95
C VAL B 60 40.48 -1.16 -13.37
N SER B 61 41.22 -2.11 -12.76
CA SER B 61 42.53 -1.82 -12.21
C SER B 61 43.47 -1.37 -13.33
N GLY B 62 44.03 -0.15 -13.22
CA GLY B 62 44.88 0.42 -14.27
C GLY B 62 46.05 1.24 -13.71
N LYS B 63 46.95 1.70 -14.56
CA LYS B 63 48.15 2.37 -14.08
C LYS B 63 48.02 3.88 -14.29
N LEU B 64 47.44 4.55 -13.28
CA LEU B 64 47.05 5.94 -13.41
C LEU B 64 48.26 6.84 -13.16
N PRO B 65 48.33 8.02 -13.80
CA PRO B 65 49.40 8.96 -13.51
C PRO B 65 49.33 9.49 -12.08
N ALA B 66 50.49 9.66 -11.44
CA ALA B 66 50.58 10.27 -10.12
C ALA B 66 50.12 11.73 -10.17
N ILE B 67 49.29 12.11 -9.18
CA ILE B 67 48.96 13.52 -8.94
C ILE B 67 50.12 14.14 -8.19
N LYS B 68 50.52 15.35 -8.61
CA LYS B 68 51.38 16.22 -7.82
C LYS B 68 50.61 17.47 -7.42
N VAL B 69 50.52 17.77 -6.11
CA VAL B 69 49.88 19.01 -5.65
C VAL B 69 50.97 20.06 -5.48
N ASN B 70 50.69 21.27 -5.95
CA ASN B 70 51.60 22.39 -5.78
C ASN B 70 50.76 23.53 -5.22
N TYR B 71 49.84 23.20 -4.29
CA TYR B 71 49.07 24.22 -3.58
C TYR B 71 49.92 24.87 -2.50
N LYS B 72 49.48 26.04 -2.03
CA LYS B 72 50.26 26.91 -1.17
C LYS B 72 49.33 27.94 -0.52
N PRO B 73 49.76 28.55 0.60
CA PRO B 73 49.01 29.64 1.25
C PRO B 73 48.71 30.80 0.32
N SER B 74 47.41 31.17 0.25
CA SER B 74 46.84 32.09 -0.74
C SER B 74 45.66 32.85 -0.12
N MET B 75 45.23 33.89 -0.83
CA MET B 75 44.16 34.78 -0.41
C MET B 75 42.91 34.42 -1.21
N VAL B 76 41.87 33.94 -0.52
CA VAL B 76 40.67 33.46 -1.18
C VAL B 76 39.47 34.27 -0.72
N ASP B 77 38.34 34.09 -1.43
CA ASP B 77 37.08 34.76 -1.15
C ASP B 77 36.05 33.66 -0.91
N VAL B 78 35.52 33.59 0.31
CA VAL B 78 34.54 32.59 0.66
C VAL B 78 33.18 33.15 0.33
N GLU B 79 32.36 32.38 -0.39
CA GLU B 79 31.10 32.83 -0.95
C GLU B 79 30.02 31.79 -0.65
N ASN B 80 28.81 32.27 -0.26
CA ASN B 80 27.62 31.45 -0.25
C ASN B 80 26.79 31.85 -1.47
N ASN B 81 26.55 30.90 -2.40
CA ASN B 81 25.89 31.25 -3.66
C ASN B 81 24.47 30.66 -3.72
N GLY B 82 23.91 30.36 -2.54
CA GLY B 82 22.54 29.87 -2.42
C GLY B 82 22.41 28.37 -2.73
N HIS B 83 23.53 27.71 -3.12
CA HIS B 83 23.53 26.26 -3.29
C HIS B 83 24.68 25.57 -2.56
N THR B 84 25.86 26.22 -2.49
CA THR B 84 27.03 25.66 -1.83
C THR B 84 27.84 26.80 -1.22
N ILE B 85 28.69 26.47 -0.24
CA ILE B 85 29.77 27.35 0.17
C ILE B 85 30.97 27.07 -0.72
N GLN B 86 31.54 28.13 -1.28
CA GLN B 86 32.55 28.06 -2.32
C GLN B 86 33.70 29.01 -1.94
N VAL B 87 34.93 28.48 -1.91
CA VAL B 87 36.15 29.22 -1.67
C VAL B 87 36.81 29.44 -3.04
N ASN B 88 36.86 30.71 -3.47
CA ASN B 88 37.21 31.11 -4.83
C ASN B 88 38.66 31.59 -4.84
N TYR B 89 39.36 31.37 -5.98
CA TYR B 89 40.80 31.61 -6.08
C TYR B 89 41.06 32.69 -7.13
N PRO B 90 41.11 33.99 -6.73
CA PRO B 90 41.37 35.10 -7.66
C PRO B 90 42.64 34.99 -8.50
N GLU B 91 43.74 34.63 -7.82
CA GLU B 91 45.05 34.46 -8.42
C GLU B 91 45.19 32.99 -8.81
N GLY B 92 46.15 32.70 -9.70
CA GLY B 92 46.64 31.34 -9.94
C GLY B 92 47.74 30.98 -8.92
N GLY B 93 48.44 29.87 -9.17
CA GLY B 93 49.58 29.49 -8.35
C GLY B 93 49.30 28.31 -7.44
N ASN B 94 48.00 27.97 -7.28
CA ASN B 94 47.62 26.70 -6.69
C ASN B 94 47.37 25.72 -7.84
N THR B 95 48.37 24.88 -8.12
CA THR B 95 48.25 24.02 -9.28
C THR B 95 48.32 22.57 -8.84
N LEU B 96 47.99 21.71 -9.78
CA LEU B 96 48.05 20.28 -9.61
C LEU B 96 48.41 19.71 -10.98
N THR B 97 49.31 18.70 -10.99
CA THR B 97 49.91 18.20 -12.23
C THR B 97 49.63 16.71 -12.36
N VAL B 98 48.89 16.33 -13.41
CA VAL B 98 48.66 14.91 -13.67
C VAL B 98 48.86 14.62 -15.17
N ASN B 99 49.65 13.55 -15.45
CA ASN B 99 50.04 13.12 -16.80
C ASN B 99 50.67 14.31 -17.52
N GLY B 100 51.56 15.00 -16.81
CA GLY B 100 52.33 16.11 -17.37
C GLY B 100 51.46 17.25 -17.92
N ARG B 101 50.25 17.42 -17.39
CA ARG B 101 49.45 18.61 -17.66
C ARG B 101 49.34 19.38 -16.34
N THR B 102 49.28 20.72 -16.42
CA THR B 102 49.14 21.55 -15.24
C THR B 102 47.72 22.14 -15.20
N TYR B 103 46.97 21.77 -14.15
CA TYR B 103 45.61 22.22 -13.92
C TYR B 103 45.65 23.24 -12.78
N THR B 104 45.10 24.45 -13.01
CA THR B 104 45.05 25.50 -12.01
C THR B 104 43.75 25.41 -11.21
N LEU B 105 43.86 25.50 -9.87
CA LEU B 105 42.70 25.47 -8.98
C LEU B 105 41.95 26.80 -9.07
N LYS B 106 40.68 26.73 -9.51
CA LYS B 106 39.86 27.92 -9.73
C LYS B 106 39.04 28.21 -8.49
N GLN B 107 38.52 27.15 -7.88
CA GLN B 107 37.69 27.22 -6.68
C GLN B 107 37.52 25.80 -6.15
N PHE B 108 37.08 25.70 -4.88
CA PHE B 108 36.70 24.44 -4.28
C PHE B 108 35.44 24.68 -3.47
N HIS B 109 34.59 23.64 -3.30
CA HIS B 109 33.31 23.78 -2.62
C HIS B 109 32.84 22.44 -2.12
N PHE B 110 31.59 22.40 -1.65
CA PHE B 110 31.12 21.31 -0.79
C PHE B 110 29.65 20.97 -1.06
N HIS B 111 29.35 19.71 -0.75
CA HIS B 111 28.05 19.09 -0.92
C HIS B 111 27.85 18.24 0.32
N VAL B 112 26.64 18.30 0.89
CA VAL B 112 26.34 17.58 2.11
C VAL B 112 24.94 17.01 1.95
N PRO B 113 24.73 15.67 1.89
CA PRO B 113 25.81 14.67 1.83
C PRO B 113 26.63 14.65 0.54
N SER B 114 27.59 13.72 0.50
CA SER B 114 28.41 13.49 -0.68
C SER B 114 27.48 13.26 -1.88
N GLU B 115 28.04 13.43 -3.07
CA GLU B 115 27.28 13.25 -4.29
C GLU B 115 27.60 11.87 -4.86
N ASN B 116 28.91 11.61 -4.95
CA ASN B 116 29.45 10.37 -5.49
C ASN B 116 29.37 9.32 -4.37
N GLN B 117 29.23 8.05 -4.76
CA GLN B 117 29.15 6.93 -3.84
C GLN B 117 30.29 5.96 -4.12
N ILE B 118 30.61 5.14 -3.12
CA ILE B 118 31.59 4.06 -3.24
C ILE B 118 30.85 2.79 -2.84
N LYS B 119 30.51 1.98 -3.85
CA LYS B 119 29.72 0.77 -3.65
C LYS B 119 28.50 1.02 -2.77
N GLY B 120 27.66 2.00 -3.16
CA GLY B 120 26.40 2.31 -2.50
C GLY B 120 26.59 3.36 -1.39
N ARG B 121 27.82 3.42 -0.84
CA ARG B 121 28.07 4.16 0.39
C ARG B 121 28.13 5.66 0.12
N THR B 122 27.25 6.41 0.81
CA THR B 122 27.22 7.87 0.79
C THR B 122 27.92 8.35 2.05
N PHE B 123 28.51 9.55 2.00
CA PHE B 123 29.35 10.06 3.07
C PHE B 123 28.76 11.38 3.56
N PRO B 124 28.94 11.75 4.84
CA PRO B 124 28.36 12.99 5.34
C PRO B 124 28.68 14.22 4.49
N MET B 125 29.88 14.34 3.90
CA MET B 125 30.19 15.52 3.10
C MET B 125 31.17 15.16 1.98
N GLU B 126 31.19 15.96 0.90
CA GLU B 126 32.17 15.81 -0.18
C GLU B 126 32.70 17.17 -0.60
N ALA B 127 34.00 17.25 -0.88
CA ALA B 127 34.59 18.48 -1.43
C ALA B 127 34.87 18.32 -2.93
N HIS B 128 34.76 19.42 -3.66
CA HIS B 128 35.06 19.45 -5.08
C HIS B 128 36.06 20.57 -5.33
N PHE B 129 37.30 20.18 -5.63
CA PHE B 129 38.37 21.07 -6.04
C PHE B 129 38.38 21.18 -7.57
N VAL B 130 38.02 22.37 -8.09
CA VAL B 130 37.73 22.53 -9.51
C VAL B 130 38.87 23.26 -10.21
N HIS B 131 39.40 22.64 -11.28
CA HIS B 131 40.58 23.13 -11.98
C HIS B 131 40.36 23.31 -13.46
N LEU B 132 41.19 24.17 -14.05
CA LEU B 132 41.29 24.33 -15.50
C LEU B 132 42.74 24.20 -15.93
N ASP B 133 42.97 23.41 -16.98
CA ASP B 133 44.27 23.33 -17.61
C ASP B 133 44.44 24.55 -18.49
N GLU B 134 45.57 24.55 -19.22
CA GLU B 134 45.94 25.58 -20.18
C GLU B 134 44.78 25.81 -21.17
N ASN B 135 44.23 24.71 -21.70
CA ASN B 135 43.26 24.71 -22.80
C ASN B 135 41.82 24.84 -22.28
N LYS B 136 41.66 25.13 -20.98
CA LYS B 136 40.36 25.28 -20.33
C LYS B 136 39.62 23.94 -20.26
N GLN B 137 40.35 22.82 -20.14
CA GLN B 137 39.71 21.53 -19.90
C GLN B 137 39.51 21.41 -18.39
N PRO B 138 38.26 21.20 -17.92
CA PRO B 138 37.98 21.10 -16.49
C PRO B 138 38.30 19.74 -15.87
N LEU B 139 38.74 19.79 -14.60
CA LEU B 139 39.07 18.61 -13.80
C LEU B 139 38.61 18.86 -12.35
N VAL B 140 37.78 17.94 -11.85
CA VAL B 140 37.36 18.00 -10.46
C VAL B 140 38.12 16.92 -9.69
N LEU B 141 38.75 17.31 -8.58
CA LEU B 141 39.33 16.36 -7.63
C LEU B 141 38.42 16.32 -6.39
N ALA B 142 37.96 15.13 -5.99
CA ALA B 142 37.01 15.02 -4.90
C ALA B 142 37.66 14.38 -3.69
N VAL B 143 37.40 14.98 -2.52
CA VAL B 143 37.61 14.42 -1.20
C VAL B 143 36.27 14.04 -0.56
N LEU B 144 36.23 12.84 0.02
CA LEU B 144 35.05 12.36 0.72
C LEU B 144 35.34 12.36 2.23
N TYR B 145 34.32 12.73 3.01
CA TYR B 145 34.51 12.94 4.44
C TYR B 145 33.70 11.92 5.23
N GLU B 146 34.38 11.06 6.01
CA GLU B 146 33.69 10.15 6.91
C GLU B 146 33.18 10.90 8.14
N ALA B 147 32.22 10.28 8.82
CA ALA B 147 31.78 10.75 10.12
C ALA B 147 32.93 10.54 11.10
N GLY B 148 33.23 11.59 11.87
CA GLY B 148 34.29 11.48 12.86
C GLY B 148 34.55 12.81 13.54
N LYS B 149 35.84 12.99 13.87
CA LYS B 149 36.36 14.08 14.67
C LYS B 149 35.99 15.39 13.97
N THR B 150 35.68 16.47 14.69
CA THR B 150 35.58 17.78 14.04
C THR B 150 36.79 17.98 13.12
N ASN B 151 36.60 18.57 11.94
CA ASN B 151 37.70 18.80 11.02
C ASN B 151 38.28 20.17 11.29
N GLY B 152 39.52 20.20 11.83
CA GLY B 152 40.13 21.43 12.30
C GLY B 152 40.59 22.31 11.13
N ARG B 153 41.02 21.65 10.05
CA ARG B 153 41.64 22.31 8.91
C ARG B 153 40.60 23.11 8.09
N LEU B 154 39.32 22.79 8.29
CA LEU B 154 38.23 23.50 7.62
C LEU B 154 37.70 24.63 8.51
N SER B 155 38.19 24.75 9.75
CA SER B 155 37.62 25.66 10.73
C SER B 155 37.65 27.13 10.26
N SER B 156 38.72 27.54 9.54
CA SER B 156 38.83 28.85 8.90
C SER B 156 37.56 29.21 8.12
N ILE B 157 37.23 28.31 7.16
CA ILE B 157 36.15 28.50 6.20
C ILE B 157 34.80 28.55 6.91
N TRP B 158 34.55 27.57 7.78
CA TRP B 158 33.32 27.43 8.53
C TRP B 158 33.07 28.62 9.47
N ASN B 159 34.16 29.29 9.85
CA ASN B 159 34.11 30.45 10.74
C ASN B 159 33.73 31.72 9.97
N VAL B 160 34.07 31.79 8.67
CA VAL B 160 33.71 32.95 7.85
C VAL B 160 32.48 32.64 7.01
N MET B 161 31.98 31.40 7.10
CA MET B 161 30.95 30.88 6.22
C MET B 161 29.76 31.83 6.15
N PRO B 162 29.53 32.54 5.02
CA PRO B 162 28.38 33.42 4.89
C PRO B 162 27.08 32.62 4.95
N MET B 163 26.10 33.15 5.66
CA MET B 163 24.84 32.46 5.90
C MET B 163 23.74 33.07 5.02
N THR B 164 24.10 34.02 4.13
CA THR B 164 23.21 34.65 3.16
C THR B 164 23.96 34.65 1.82
N ALA B 165 23.40 35.12 0.68
CA ALA B 165 23.99 34.87 -0.65
C ALA B 165 25.01 35.92 -1.20
N GLY B 166 25.88 36.52 -0.33
CA GLY B 166 27.03 37.35 -0.72
C GLY B 166 28.36 36.85 -0.10
N LYS B 167 29.46 37.66 -0.18
CA LYS B 167 30.84 37.15 -0.15
C LYS B 167 31.69 37.75 0.98
N VAL B 168 32.60 36.94 1.57
CA VAL B 168 33.57 37.39 2.56
C VAL B 168 34.96 37.24 1.94
N LYS B 169 35.51 38.38 1.49
CA LYS B 169 36.78 38.44 0.78
C LYS B 169 37.89 38.70 1.79
N LEU B 170 39.15 38.49 1.36
CA LEU B 170 40.38 38.73 2.10
C LEU B 170 40.34 38.22 3.55
N ASN B 171 39.17 38.23 4.24
CA ASN B 171 38.98 37.73 5.60
C ASN B 171 39.30 36.23 5.67
N GLN B 172 40.31 35.86 4.87
CA GLN B 172 40.50 34.52 4.37
C GLN B 172 41.85 34.50 3.64
N PRO B 173 42.96 34.25 4.37
CA PRO B 173 44.09 33.47 3.85
C PRO B 173 43.77 31.97 3.99
N PHE B 174 44.33 31.11 3.14
CA PHE B 174 44.07 29.68 3.29
C PHE B 174 45.05 28.83 2.50
N ASP B 175 45.38 27.66 3.07
CA ASP B 175 46.32 26.72 2.48
C ASP B 175 45.59 25.40 2.17
N ALA B 176 45.20 25.23 0.91
CA ALA B 176 44.45 24.07 0.44
C ALA B 176 45.26 22.78 0.57
N SER B 177 46.59 22.90 0.62
CA SER B 177 47.50 21.77 0.83
C SER B 177 46.95 20.84 1.92
N THR B 178 46.51 21.46 3.01
CA THR B 178 46.07 20.81 4.23
C THR B 178 44.89 19.87 3.96
N LEU B 179 44.03 20.21 2.97
CA LEU B 179 42.78 19.52 2.72
C LEU B 179 42.93 18.24 1.89
N LEU B 180 44.14 17.96 1.40
CA LEU B 180 44.41 16.79 0.59
C LEU B 180 45.37 15.85 1.35
N PRO B 181 45.24 14.51 1.20
CA PRO B 181 46.03 13.56 1.97
C PRO B 181 47.39 13.27 1.32
N LYS B 182 48.36 12.82 2.13
CA LYS B 182 49.68 12.43 1.63
C LYS B 182 49.51 11.32 0.59
N ARG B 183 48.53 10.42 0.82
CA ARG B 183 48.19 9.37 -0.15
C ARG B 183 47.14 9.86 -1.15
N LEU B 184 47.55 9.97 -2.43
CA LEU B 184 46.69 10.51 -3.48
C LEU B 184 46.44 9.47 -4.56
N LYS B 185 45.99 8.28 -4.13
CA LYS B 185 45.44 7.32 -5.08
C LYS B 185 44.02 7.77 -5.36
N TYR B 186 43.54 7.54 -6.59
CA TYR B 186 42.23 8.05 -6.99
C TYR B 186 41.57 7.12 -7.99
N TYR B 187 40.23 7.24 -8.06
CA TYR B 187 39.40 6.74 -9.14
C TYR B 187 39.25 7.78 -10.24
N ARG B 188 39.48 7.34 -11.49
CA ARG B 188 39.40 8.19 -12.66
C ARG B 188 38.17 7.79 -13.45
N PHE B 189 37.38 8.80 -13.85
CA PHE B 189 36.36 8.62 -14.85
C PHE B 189 36.14 9.99 -15.50
N ALA B 190 35.25 10.00 -16.50
CA ALA B 190 34.81 11.25 -17.10
C ALA B 190 33.32 11.40 -16.81
N GLY B 191 32.90 12.66 -16.66
CA GLY B 191 31.51 12.94 -16.36
C GLY B 191 31.15 14.38 -16.70
N SER B 192 30.44 15.04 -15.74
CA SER B 192 29.73 16.29 -15.98
C SER B 192 29.91 17.18 -14.76
N LEU B 193 29.46 18.45 -14.86
CA LEU B 193 29.14 19.20 -13.66
C LEU B 193 27.92 18.53 -12.98
N THR B 194 27.83 18.62 -11.64
CA THR B 194 26.71 18.09 -10.86
C THR B 194 25.64 19.17 -10.71
N THR B 195 25.79 20.29 -11.45
CA THR B 195 24.93 21.46 -11.32
C THR B 195 24.60 22.02 -12.70
N PRO B 196 23.37 22.50 -12.95
CA PRO B 196 23.03 23.16 -14.21
C PRO B 196 24.05 24.21 -14.63
N PRO B 197 24.55 24.19 -15.90
CA PRO B 197 23.90 23.46 -17.00
C PRO B 197 24.33 22.00 -17.27
N CYS B 198 24.92 21.35 -16.26
CA CYS B 198 25.31 19.94 -16.34
C CYS B 198 26.28 19.63 -17.49
N THR B 199 27.14 20.58 -17.88
CA THR B 199 28.14 20.38 -18.92
C THR B 199 28.97 19.11 -18.76
N GLU B 200 29.21 18.39 -19.86
CA GLU B 200 30.07 17.22 -19.89
C GLU B 200 31.49 17.67 -20.28
N GLY B 201 32.42 16.72 -20.40
CA GLY B 201 33.81 17.02 -20.74
C GLY B 201 34.66 17.34 -19.51
N VAL B 202 34.19 16.89 -18.33
CA VAL B 202 34.88 17.07 -17.06
C VAL B 202 35.57 15.75 -16.69
N SER B 203 36.85 15.85 -16.33
CA SER B 203 37.58 14.73 -15.75
C SER B 203 37.33 14.65 -14.25
N TRP B 204 37.02 13.44 -13.76
CA TRP B 204 36.76 13.25 -12.34
C TRP B 204 37.82 12.35 -11.74
N LEU B 205 38.43 12.85 -10.69
CA LEU B 205 39.41 12.13 -9.91
C LEU B 205 38.90 12.10 -8.47
N VAL B 206 38.49 10.92 -7.99
CA VAL B 206 37.95 10.79 -6.65
C VAL B 206 39.01 10.13 -5.78
N LEU B 207 39.50 10.86 -4.78
CA LEU B 207 40.53 10.35 -3.90
C LEU B 207 39.98 9.19 -3.05
N LYS B 208 40.77 8.09 -3.07
CA LYS B 208 40.53 6.87 -2.32
C LYS B 208 40.54 7.09 -0.81
N THR B 209 41.45 7.97 -0.34
CA THR B 209 41.65 8.21 1.08
C THR B 209 40.68 9.27 1.60
N TYR B 210 39.94 8.89 2.66
CA TYR B 210 38.86 9.70 3.20
C TYR B 210 39.35 10.59 4.34
N ASP B 211 38.75 11.80 4.44
CA ASP B 211 38.95 12.72 5.54
C ASP B 211 37.79 12.54 6.52
N HIS B 212 37.64 13.48 7.49
CA HIS B 212 36.62 13.38 8.54
C HIS B 212 35.82 14.67 8.72
N ILE B 213 34.55 14.56 9.19
CA ILE B 213 33.83 15.67 9.77
C ILE B 213 32.84 15.20 10.84
N ASP B 214 32.58 16.10 11.81
CA ASP B 214 31.42 16.20 12.68
C ASP B 214 30.07 16.27 11.97
N GLN B 215 28.99 16.07 12.74
CA GLN B 215 27.65 16.44 12.29
C GLN B 215 27.35 17.92 12.53
N ALA B 216 27.90 18.54 13.58
CA ALA B 216 27.77 19.99 13.78
C ALA B 216 28.28 20.76 12.57
N GLN B 217 29.41 20.32 11.97
CA GLN B 217 29.98 21.01 10.82
C GLN B 217 29.12 20.79 9.57
N ALA B 218 28.64 19.56 9.34
CA ALA B 218 27.73 19.25 8.24
C ALA B 218 26.46 20.08 8.33
N GLU B 219 25.92 20.20 9.56
CA GLU B 219 24.60 20.78 9.76
C GLU B 219 24.66 22.29 9.60
N LYS B 220 25.80 22.87 9.99
CA LYS B 220 26.03 24.30 9.86
C LYS B 220 26.06 24.68 8.37
N PHE B 221 26.69 23.82 7.55
CA PHE B 221 26.72 24.04 6.12
C PHE B 221 25.30 24.01 5.59
N THR B 222 24.50 23.04 6.06
CA THR B 222 23.13 22.90 5.58
C THR B 222 22.30 24.14 5.93
N ARG B 223 22.53 24.74 7.12
CA ARG B 223 21.80 25.92 7.54
C ARG B 223 22.09 27.08 6.59
N ALA B 224 23.38 27.27 6.27
CA ALA B 224 23.85 28.43 5.51
C ALA B 224 23.35 28.38 4.06
N VAL B 225 23.54 27.22 3.45
CA VAL B 225 23.20 26.99 2.05
C VAL B 225 21.68 26.85 1.85
N GLY B 226 20.95 26.41 2.88
CA GLY B 226 19.51 26.36 2.82
C GLY B 226 18.98 24.93 2.79
N SER B 227 19.75 24.00 2.22
CA SER B 227 19.30 22.63 2.05
C SER B 227 20.45 21.70 1.64
N GLU B 228 20.19 20.39 1.63
CA GLU B 228 21.16 19.40 1.20
C GLU B 228 21.38 19.50 -0.32
N ASN B 229 22.64 19.52 -0.78
CA ASN B 229 22.92 19.86 -2.17
C ASN B 229 23.54 18.67 -2.90
N ASN B 230 22.83 17.53 -2.88
CA ASN B 230 23.33 16.29 -3.46
C ASN B 230 22.45 15.82 -4.62
N ARG B 231 22.99 15.97 -5.84
CA ARG B 231 22.38 15.42 -7.05
C ARG B 231 22.38 13.89 -7.01
N PRO B 232 21.24 13.20 -7.27
CA PRO B 232 21.24 11.74 -7.32
C PRO B 232 22.20 11.21 -8.38
N VAL B 233 22.72 10.00 -8.13
CA VAL B 233 23.72 9.33 -8.94
C VAL B 233 23.15 9.06 -10.33
N GLN B 234 24.00 9.24 -11.33
CA GLN B 234 23.65 9.02 -12.73
C GLN B 234 24.30 7.69 -13.14
N PRO B 235 23.72 6.99 -14.14
CA PRO B 235 24.31 5.75 -14.65
C PRO B 235 25.64 5.99 -15.34
N LEU B 236 26.53 4.99 -15.27
CA LEU B 236 27.84 5.08 -15.93
C LEU B 236 27.70 4.90 -17.44
N ASN B 237 26.74 4.06 -17.85
CA ASN B 237 26.49 3.73 -19.24
C ASN B 237 27.76 3.09 -19.83
N ALA B 238 28.41 3.76 -20.79
CA ALA B 238 29.52 3.14 -21.50
C ALA B 238 30.84 3.41 -20.77
N ARG B 239 30.79 4.21 -19.70
CA ARG B 239 31.99 4.64 -19.02
C ARG B 239 32.53 3.49 -18.16
N VAL B 240 33.87 3.43 -18.09
CA VAL B 240 34.60 2.58 -17.17
C VAL B 240 35.23 3.50 -16.13
N VAL B 241 35.29 3.02 -14.87
CA VAL B 241 36.01 3.72 -13.82
C VAL B 241 37.33 2.98 -13.62
N ILE B 242 38.44 3.72 -13.78
CA ILE B 242 39.77 3.19 -13.56
C ILE B 242 40.14 3.41 -12.10
N GLU B 243 40.75 2.39 -11.48
CA GLU B 243 41.26 2.49 -10.11
C GLU B 243 42.73 2.04 -10.05
N THR C 22 -35.13 16.86 10.37
CA THR C 22 -34.38 18.13 10.18
C THR C 22 -34.37 18.49 8.68
N HIS C 23 -34.95 19.67 8.41
CA HIS C 23 -35.18 20.18 7.06
CA HIS C 23 -35.17 20.15 7.07
C HIS C 23 -33.84 20.57 6.43
N TRP C 24 -33.62 20.09 5.19
CA TRP C 24 -32.53 20.53 4.33
C TRP C 24 -33.10 20.84 2.94
N GLY C 25 -32.30 21.50 2.08
CA GLY C 25 -32.77 21.97 0.78
C GLY C 25 -31.62 22.34 -0.16
N TYR C 26 -31.95 22.97 -1.28
CA TYR C 26 -30.98 23.32 -2.31
C TYR C 26 -30.85 24.85 -2.42
N THR C 27 -31.61 25.57 -1.58
CA THR C 27 -31.64 27.02 -1.61
C THR C 27 -31.85 27.54 -0.18
N GLY C 28 -31.37 28.75 0.08
CA GLY C 28 -31.65 29.49 1.30
C GLY C 28 -30.62 29.24 2.40
N HIS C 29 -31.14 29.14 3.63
CA HIS C 29 -30.38 28.78 4.84
C HIS C 29 -29.95 27.32 4.80
N ASP C 30 -30.64 26.48 4.00
CA ASP C 30 -30.44 25.03 3.96
C ASP C 30 -29.56 24.58 2.79
N SER C 31 -29.05 25.51 1.97
CA SER C 31 -28.10 25.25 0.90
C SER C 31 -27.10 24.15 1.27
N PRO C 32 -26.58 23.39 0.28
CA PRO C 32 -25.50 22.41 0.52
C PRO C 32 -24.34 22.81 1.42
N GLU C 33 -23.86 24.06 1.33
CA GLU C 33 -22.79 24.52 2.22
C GLU C 33 -23.18 24.31 3.68
N SER C 34 -24.47 24.45 4.01
CA SER C 34 -25.00 24.35 5.37
C SER C 34 -25.11 22.91 5.88
N TRP C 35 -25.34 21.95 4.97
CA TRP C 35 -25.79 20.62 5.34
C TRP C 35 -25.02 20.09 6.55
N GLY C 36 -23.70 20.27 6.51
CA GLY C 36 -22.80 19.87 7.58
C GLY C 36 -23.31 20.28 8.97
N ASN C 37 -23.84 21.51 9.09
CA ASN C 37 -24.12 22.13 10.38
C ASN C 37 -25.54 21.88 10.86
N LEU C 38 -26.50 21.89 9.93
CA LEU C 38 -27.90 21.66 10.25
C LEU C 38 -28.06 20.61 11.35
N SER C 39 -27.35 19.50 11.23
CA SER C 39 -27.55 18.36 12.12
C SER C 39 -26.22 17.68 12.40
N GLU C 40 -26.15 16.96 13.51
CA GLU C 40 -24.94 16.22 13.85
C GLU C 40 -24.84 14.99 12.96
N GLU C 41 -25.98 14.39 12.58
CA GLU C 41 -26.00 13.23 11.70
C GLU C 41 -25.53 13.56 10.29
N PHE C 42 -25.53 14.85 9.92
CA PHE C 42 -25.21 15.30 8.56
C PHE C 42 -23.77 15.80 8.44
N ARG C 43 -22.92 15.44 9.40
CA ARG C 43 -21.63 16.09 9.49
C ARG C 43 -20.74 15.61 8.35
N LEU C 44 -20.98 14.38 7.87
CA LEU C 44 -20.16 13.78 6.82
C LEU C 44 -20.35 14.51 5.49
N CYS C 45 -21.41 15.32 5.39
CA CYS C 45 -21.64 16.07 4.15
C CYS C 45 -20.56 17.14 3.95
N SER C 46 -19.85 17.50 5.03
CA SER C 46 -18.86 18.55 4.90
C SER C 46 -17.47 18.09 5.34
N THR C 47 -17.32 16.88 5.91
CA THR C 47 -16.02 16.36 6.33
C THR C 47 -15.66 15.10 5.55
N GLY C 48 -16.57 14.57 4.74
CA GLY C 48 -16.24 13.43 3.89
C GLY C 48 -15.13 13.78 2.90
N LYS C 49 -14.27 12.79 2.60
CA LYS C 49 -13.28 12.91 1.55
C LYS C 49 -13.65 12.03 0.34
N ASN C 50 -14.85 11.45 0.35
CA ASN C 50 -15.26 10.41 -0.59
C ASN C 50 -16.73 10.63 -0.95
N GLN C 51 -17.05 11.86 -1.36
CA GLN C 51 -18.41 12.35 -1.51
C GLN C 51 -18.80 12.41 -3.00
N SER C 52 -20.08 12.15 -3.27
CA SER C 52 -20.59 12.29 -4.63
C SER C 52 -21.45 13.55 -4.72
N PRO C 53 -21.68 14.14 -5.92
CA PRO C 53 -21.16 13.64 -7.19
C PRO C 53 -19.81 14.25 -7.54
N VAL C 54 -19.21 13.76 -8.63
CA VAL C 54 -17.86 14.17 -9.00
C VAL C 54 -17.83 14.49 -10.49
N ASN C 55 -16.73 15.14 -10.89
CA ASN C 55 -16.43 15.34 -12.30
C ASN C 55 -15.45 14.24 -12.67
N ILE C 56 -15.78 13.52 -13.75
CA ILE C 56 -15.06 12.36 -14.21
C ILE C 56 -14.05 12.77 -15.27
N THR C 57 -12.77 12.83 -14.89
CA THR C 57 -11.73 13.42 -15.73
C THR C 57 -10.63 12.40 -16.01
N GLU C 58 -9.89 11.98 -14.97
CA GLU C 58 -8.67 11.20 -15.13
C GLU C 58 -8.95 9.73 -14.83
N THR C 59 -9.48 9.00 -15.83
CA THR C 59 -9.98 7.66 -15.59
C THR C 59 -8.87 6.65 -15.82
N VAL C 60 -9.04 5.50 -15.18
CA VAL C 60 -8.18 4.35 -15.35
C VAL C 60 -8.95 3.29 -16.14
N SER C 61 -8.50 3.08 -17.38
CA SER C 61 -9.03 2.08 -18.27
C SER C 61 -8.93 0.68 -17.63
N GLY C 62 -10.09 0.05 -17.33
CA GLY C 62 -10.11 -1.23 -16.63
C GLY C 62 -11.12 -2.25 -17.20
N LYS C 63 -11.02 -3.50 -16.72
CA LYS C 63 -11.89 -4.58 -17.16
C LYS C 63 -13.01 -4.78 -16.13
N LEU C 64 -14.05 -3.94 -16.24
CA LEU C 64 -15.14 -3.86 -15.28
C LEU C 64 -16.10 -5.06 -15.40
N PRO C 65 -16.63 -5.59 -14.28
CA PRO C 65 -17.64 -6.65 -14.37
C PRO C 65 -18.86 -6.16 -15.16
N ALA C 66 -19.45 -7.07 -15.95
CA ALA C 66 -20.63 -6.73 -16.75
C ALA C 66 -21.89 -6.75 -15.88
N ILE C 67 -22.83 -5.87 -16.26
CA ILE C 67 -24.13 -5.70 -15.61
C ILE C 67 -25.19 -6.60 -16.28
N LYS C 68 -25.95 -7.34 -15.46
CA LYS C 68 -27.15 -8.02 -15.92
C LYS C 68 -28.36 -7.41 -15.20
N VAL C 69 -29.41 -7.02 -15.94
CA VAL C 69 -30.56 -6.36 -15.36
C VAL C 69 -31.78 -7.25 -15.52
N ASN C 70 -32.50 -7.48 -14.41
CA ASN C 70 -33.73 -8.24 -14.37
C ASN C 70 -34.79 -7.39 -13.68
N TYR C 71 -35.25 -6.36 -14.39
CA TYR C 71 -36.40 -5.56 -13.99
C TYR C 71 -37.63 -6.11 -14.72
N LYS C 72 -38.83 -5.73 -14.27
CA LYS C 72 -40.06 -6.34 -14.73
C LYS C 72 -41.25 -5.45 -14.35
N PRO C 73 -42.42 -5.60 -15.01
CA PRO C 73 -43.65 -4.88 -14.59
C PRO C 73 -43.96 -5.03 -13.11
N SER C 74 -44.10 -3.86 -12.46
CA SER C 74 -44.17 -3.76 -11.01
C SER C 74 -45.13 -2.63 -10.66
N MET C 75 -45.76 -2.72 -9.48
CA MET C 75 -46.61 -1.65 -8.98
C MET C 75 -45.74 -0.70 -8.14
N VAL C 76 -45.61 0.55 -8.63
CA VAL C 76 -44.76 1.55 -8.00
C VAL C 76 -45.59 2.71 -7.45
N ASP C 77 -44.94 3.46 -6.57
CA ASP C 77 -45.46 4.69 -6.01
C ASP C 77 -44.59 5.86 -6.48
N VAL C 78 -45.22 6.88 -7.08
CA VAL C 78 -44.52 8.07 -7.54
C VAL C 78 -44.78 9.25 -6.59
N GLU C 79 -43.79 9.58 -5.74
CA GLU C 79 -43.90 10.60 -4.72
C GLU C 79 -43.13 11.86 -5.14
N ASN C 80 -43.74 13.04 -4.90
CA ASN C 80 -43.04 14.32 -4.86
C ASN C 80 -42.74 14.59 -3.39
N ASN C 81 -41.45 14.55 -3.01
CA ASN C 81 -41.07 14.58 -1.60
C ASN C 81 -40.46 15.92 -1.26
N GLY C 82 -40.49 16.86 -2.23
CA GLY C 82 -39.97 18.21 -2.02
C GLY C 82 -38.51 18.37 -2.41
N HIS C 83 -37.75 17.27 -2.59
CA HIS C 83 -36.36 17.35 -3.03
C HIS C 83 -36.18 16.72 -4.42
N THR C 84 -37.02 15.71 -4.73
CA THR C 84 -37.00 15.04 -6.02
C THR C 84 -38.39 14.48 -6.33
N ILE C 85 -38.56 14.00 -7.58
CA ILE C 85 -39.60 13.06 -7.94
C ILE C 85 -39.00 11.66 -7.87
N GLN C 86 -39.69 10.77 -7.15
CA GLN C 86 -39.11 9.51 -6.75
C GLN C 86 -40.12 8.40 -6.95
N VAL C 87 -39.64 7.28 -7.51
CA VAL C 87 -40.44 6.12 -7.81
C VAL C 87 -40.00 4.98 -6.91
N ASN C 88 -40.86 4.66 -5.91
CA ASN C 88 -40.56 3.70 -4.86
C ASN C 88 -41.12 2.34 -5.26
N TYR C 89 -40.37 1.27 -4.95
CA TYR C 89 -40.80 -0.09 -5.21
C TYR C 89 -40.99 -0.80 -3.88
N PRO C 90 -42.22 -0.91 -3.36
CA PRO C 90 -42.49 -1.63 -2.12
C PRO C 90 -42.12 -3.11 -2.16
N GLU C 91 -42.31 -3.79 -3.31
CA GLU C 91 -41.83 -5.16 -3.50
C GLU C 91 -40.36 -5.16 -3.97
N GLY C 92 -39.61 -6.20 -3.57
CA GLY C 92 -38.39 -6.63 -4.25
C GLY C 92 -38.69 -7.20 -5.64
N GLY C 93 -37.68 -7.78 -6.30
CA GLY C 93 -37.87 -8.49 -7.56
C GLY C 93 -37.32 -7.78 -8.80
N ASN C 94 -37.04 -6.47 -8.66
CA ASN C 94 -36.34 -5.75 -9.71
C ASN C 94 -34.86 -5.72 -9.31
N THR C 95 -34.05 -6.62 -9.87
CA THR C 95 -32.68 -6.74 -9.41
C THR C 95 -31.69 -6.44 -10.54
N LEU C 96 -30.43 -6.37 -10.12
CA LEU C 96 -29.29 -6.04 -10.95
C LEU C 96 -28.16 -6.96 -10.48
N THR C 97 -27.48 -7.64 -11.40
CA THR C 97 -26.39 -8.53 -11.01
C THR C 97 -25.05 -8.02 -11.60
N VAL C 98 -24.14 -7.58 -10.71
CA VAL C 98 -22.78 -7.20 -11.12
C VAL C 98 -21.77 -7.90 -10.21
N ASN C 99 -20.83 -8.65 -10.81
CA ASN C 99 -19.73 -9.27 -10.08
C ASN C 99 -20.26 -10.25 -9.03
N GLY C 100 -21.21 -11.12 -9.43
CA GLY C 100 -21.66 -12.23 -8.59
C GLY C 100 -22.55 -11.81 -7.41
N ARG C 101 -22.89 -10.51 -7.35
CA ARG C 101 -23.74 -9.98 -6.29
C ARG C 101 -25.03 -9.44 -6.92
N THR C 102 -26.13 -9.65 -6.19
CA THR C 102 -27.46 -9.23 -6.59
C THR C 102 -27.91 -8.09 -5.69
N TYR C 103 -28.25 -6.96 -6.35
CA TYR C 103 -28.71 -5.71 -5.74
C TYR C 103 -30.18 -5.54 -6.09
N THR C 104 -31.04 -5.31 -5.08
CA THR C 104 -32.46 -5.10 -5.35
C THR C 104 -32.74 -3.59 -5.50
N LEU C 105 -33.47 -3.26 -6.58
CA LEU C 105 -33.91 -1.89 -6.84
C LEU C 105 -34.88 -1.50 -5.74
N LYS C 106 -34.57 -0.41 -5.01
CA LYS C 106 -35.42 0.08 -3.94
C LYS C 106 -36.25 1.27 -4.43
N GLN C 107 -35.61 2.15 -5.18
CA GLN C 107 -36.28 3.31 -5.76
C GLN C 107 -35.40 3.88 -6.85
N PHE C 108 -35.99 4.72 -7.70
CA PHE C 108 -35.22 5.63 -8.54
C PHE C 108 -35.83 7.03 -8.53
N HIS C 109 -35.07 7.99 -9.02
CA HIS C 109 -35.41 9.39 -8.90
C HIS C 109 -34.46 10.18 -9.78
N PHE C 110 -34.66 11.49 -9.80
CA PHE C 110 -34.11 12.33 -10.86
C PHE C 110 -33.43 13.52 -10.19
N HIS C 111 -32.51 14.13 -10.97
CA HIS C 111 -31.94 15.43 -10.68
C HIS C 111 -31.96 16.29 -11.95
N VAL C 112 -32.29 17.57 -11.81
CA VAL C 112 -32.28 18.49 -12.92
C VAL C 112 -31.67 19.80 -12.42
N PRO C 113 -30.52 20.25 -12.98
CA PRO C 113 -29.75 19.46 -13.95
C PRO C 113 -29.03 18.29 -13.28
N SER C 114 -28.03 17.71 -13.98
CA SER C 114 -27.34 16.53 -13.47
C SER C 114 -26.47 16.91 -12.29
N GLU C 115 -26.02 15.87 -11.58
CA GLU C 115 -25.08 16.02 -10.48
C GLU C 115 -23.67 15.64 -10.97
N ASN C 116 -23.44 14.35 -11.21
CA ASN C 116 -22.18 13.89 -11.80
C ASN C 116 -21.94 14.64 -13.11
N GLN C 117 -20.69 15.05 -13.35
CA GLN C 117 -20.28 15.63 -14.63
C GLN C 117 -19.35 14.65 -15.35
N ILE C 118 -19.21 14.85 -16.67
CA ILE C 118 -18.32 14.03 -17.47
C ILE C 118 -17.36 14.97 -18.19
N LYS C 119 -16.12 15.03 -17.70
CA LYS C 119 -15.11 15.90 -18.27
C LYS C 119 -15.69 17.29 -18.36
N GLY C 120 -16.30 17.73 -17.27
CA GLY C 120 -16.74 19.11 -17.13
C GLY C 120 -18.12 19.36 -17.70
N ARG C 121 -18.61 18.43 -18.56
CA ARG C 121 -19.94 18.52 -19.16
C ARG C 121 -21.01 18.19 -18.13
N THR C 122 -22.10 18.97 -18.19
CA THR C 122 -23.29 18.77 -17.37
C THR C 122 -24.43 18.47 -18.33
N PHE C 123 -25.37 17.66 -17.85
CA PHE C 123 -26.49 17.23 -18.67
C PHE C 123 -27.81 17.79 -18.13
N PRO C 124 -28.80 18.00 -19.04
CA PRO C 124 -30.13 18.43 -18.63
C PRO C 124 -30.73 17.60 -17.50
N MET C 125 -30.50 16.29 -17.48
CA MET C 125 -31.06 15.50 -16.38
C MET C 125 -30.19 14.27 -16.08
N GLU C 126 -30.25 13.82 -14.83
CA GLU C 126 -29.63 12.58 -14.40
C GLU C 126 -30.63 11.82 -13.54
N ALA C 127 -30.78 10.50 -13.78
CA ALA C 127 -31.60 9.64 -12.93
C ALA C 127 -30.71 8.72 -12.10
N HIS C 128 -31.14 8.42 -10.86
CA HIS C 128 -30.41 7.50 -9.98
C HIS C 128 -31.29 6.31 -9.61
N PHE C 129 -30.92 5.10 -10.09
CA PHE C 129 -31.52 3.83 -9.66
C PHE C 129 -30.81 3.28 -8.42
N VAL C 130 -31.47 3.34 -7.25
CA VAL C 130 -30.81 3.06 -5.97
C VAL C 130 -31.21 1.67 -5.45
N HIS C 131 -30.17 0.87 -5.12
CA HIS C 131 -30.27 -0.56 -4.82
C HIS C 131 -29.53 -0.89 -3.53
N LEU C 132 -29.92 -2.03 -2.95
CA LEU C 132 -29.21 -2.67 -1.85
C LEU C 132 -29.03 -4.15 -2.15
N ASP C 133 -27.89 -4.72 -1.71
CA ASP C 133 -27.69 -6.17 -1.75
C ASP C 133 -28.14 -6.76 -0.41
N GLU C 134 -28.11 -8.11 -0.31
CA GLU C 134 -28.56 -8.83 0.88
C GLU C 134 -27.79 -8.32 2.11
N ASN C 135 -26.51 -7.93 1.91
CA ASN C 135 -25.63 -7.41 2.97
C ASN C 135 -25.88 -5.93 3.27
N LYS C 136 -26.75 -5.26 2.52
CA LYS C 136 -27.16 -3.90 2.83
C LYS C 136 -26.17 -2.90 2.20
N GLN C 137 -25.28 -3.36 1.32
CA GLN C 137 -24.34 -2.49 0.61
C GLN C 137 -25.09 -1.78 -0.51
N PRO C 138 -25.31 -0.45 -0.44
CA PRO C 138 -25.94 0.31 -1.52
C PRO C 138 -25.10 0.53 -2.78
N LEU C 139 -25.80 0.59 -3.92
CA LEU C 139 -25.21 0.87 -5.22
C LEU C 139 -26.20 1.71 -6.02
N VAL C 140 -25.69 2.79 -6.63
CA VAL C 140 -26.48 3.65 -7.49
C VAL C 140 -26.02 3.47 -8.93
N LEU C 141 -26.99 3.19 -9.81
CA LEU C 141 -26.80 3.22 -11.26
C LEU C 141 -27.36 4.55 -11.78
N ALA C 142 -26.49 5.38 -12.37
CA ALA C 142 -26.92 6.66 -12.94
C ALA C 142 -27.05 6.53 -14.46
N VAL C 143 -28.01 7.30 -15.00
CA VAL C 143 -28.16 7.51 -16.43
C VAL C 143 -28.14 9.01 -16.66
N LEU C 144 -27.38 9.46 -17.68
CA LEU C 144 -27.31 10.88 -18.00
C LEU C 144 -28.18 11.20 -19.22
N TYR C 145 -28.86 12.36 -19.17
CA TYR C 145 -29.85 12.73 -20.17
C TYR C 145 -29.37 13.94 -20.97
N GLU C 146 -28.98 13.67 -22.21
CA GLU C 146 -28.78 14.66 -23.27
C GLU C 146 -30.07 15.40 -23.62
N ALA C 147 -29.91 16.62 -24.18
CA ALA C 147 -30.99 17.26 -24.90
C ALA C 147 -31.29 16.45 -26.16
N GLY C 148 -32.58 16.36 -26.51
CA GLY C 148 -33.01 15.67 -27.72
C GLY C 148 -34.53 15.48 -27.78
N LYS C 149 -34.92 14.36 -28.36
CA LYS C 149 -36.32 14.04 -28.59
C LYS C 149 -37.06 13.98 -27.24
N THR C 150 -38.36 14.28 -27.27
CA THR C 150 -39.26 14.07 -26.14
C THR C 150 -39.16 12.61 -25.71
N ASN C 151 -38.88 12.37 -24.42
CA ASN C 151 -38.60 11.02 -23.95
C ASN C 151 -39.92 10.28 -23.71
N GLY C 152 -40.19 9.29 -24.55
CA GLY C 152 -41.50 8.65 -24.56
C GLY C 152 -41.70 7.74 -23.36
N ARG C 153 -40.61 7.05 -22.97
CA ARG C 153 -40.62 6.00 -21.98
C ARG C 153 -40.86 6.54 -20.58
N LEU C 154 -40.58 7.84 -20.39
CA LEU C 154 -40.70 8.52 -19.10
C LEU C 154 -42.12 9.05 -18.86
N SER C 155 -43.00 8.99 -19.88
CA SER C 155 -44.28 9.69 -19.81
C SER C 155 -45.16 9.17 -18.67
N SER C 156 -45.22 7.84 -18.45
CA SER C 156 -45.97 7.27 -17.35
C SER C 156 -45.75 8.06 -16.06
N ILE C 157 -44.46 8.36 -15.81
CA ILE C 157 -44.03 9.00 -14.58
C ILE C 157 -44.32 10.50 -14.66
N TRP C 158 -43.96 11.10 -15.81
CA TRP C 158 -44.14 12.53 -16.04
C TRP C 158 -45.62 12.92 -16.02
N ASN C 159 -46.48 12.09 -16.62
CA ASN C 159 -47.87 12.48 -16.85
C ASN C 159 -48.62 12.52 -15.51
N VAL C 160 -48.13 11.77 -14.51
CA VAL C 160 -48.83 11.62 -13.22
C VAL C 160 -48.04 12.28 -12.10
N MET C 161 -46.92 12.91 -12.50
CA MET C 161 -45.95 13.52 -11.61
C MET C 161 -46.68 14.51 -10.70
N PRO C 162 -46.74 14.23 -9.38
CA PRO C 162 -47.35 15.14 -8.42
C PRO C 162 -46.57 16.46 -8.32
N MET C 163 -47.28 17.58 -8.45
CA MET C 163 -46.66 18.89 -8.60
C MET C 163 -46.53 19.61 -7.24
N THR C 164 -47.03 18.99 -6.15
CA THR C 164 -46.79 19.40 -4.76
C THR C 164 -46.29 18.18 -3.99
N ALA C 165 -45.95 18.26 -2.67
CA ALA C 165 -45.37 17.14 -1.91
C ALA C 165 -46.31 15.95 -1.49
N GLY C 166 -47.13 15.38 -2.45
CA GLY C 166 -48.00 14.21 -2.26
C GLY C 166 -47.66 13.05 -3.21
N LYS C 167 -48.43 11.92 -3.21
CA LYS C 167 -48.00 10.65 -3.81
C LYS C 167 -49.10 9.98 -4.67
N VAL C 168 -48.73 9.46 -5.87
CA VAL C 168 -49.64 8.73 -6.76
C VAL C 168 -49.25 7.25 -6.71
N LYS C 169 -50.15 6.37 -6.23
CA LYS C 169 -49.70 5.18 -5.52
C LYS C 169 -49.94 3.84 -6.19
N LEU C 170 -49.58 2.77 -5.42
CA LEU C 170 -49.66 1.33 -5.70
C LEU C 170 -50.68 1.08 -6.78
N ASN C 171 -50.35 1.63 -7.94
CA ASN C 171 -51.35 2.02 -8.92
C ASN C 171 -50.62 2.41 -10.19
N GLN C 172 -49.29 2.41 -10.15
CA GLN C 172 -48.54 2.78 -11.32
C GLN C 172 -47.84 1.53 -11.82
N PRO C 173 -48.35 0.90 -12.89
CA PRO C 173 -47.61 -0.17 -13.53
C PRO C 173 -46.40 0.51 -14.15
N PHE C 174 -45.22 -0.05 -13.93
CA PHE C 174 -44.01 0.52 -14.50
C PHE C 174 -42.96 -0.56 -14.62
N ASP C 175 -42.26 -0.53 -15.76
CA ASP C 175 -41.16 -1.43 -16.07
C ASP C 175 -39.92 -0.57 -16.32
N ALA C 176 -39.01 -0.54 -15.33
CA ALA C 176 -37.85 0.33 -15.38
C ALA C 176 -36.81 -0.16 -16.38
N SER C 177 -36.97 -1.37 -16.94
CA SER C 177 -35.96 -1.87 -17.87
C SER C 177 -35.93 -1.01 -19.14
N THR C 178 -37.08 -0.39 -19.44
CA THR C 178 -37.20 0.54 -20.55
C THR C 178 -36.24 1.72 -20.37
N LEU C 179 -36.05 2.17 -19.12
CA LEU C 179 -35.26 3.37 -18.83
C LEU C 179 -33.76 3.09 -18.90
N LEU C 180 -33.35 1.82 -19.00
CA LEU C 180 -31.93 1.50 -19.15
C LEU C 180 -31.63 1.23 -20.64
N PRO C 181 -30.43 1.61 -21.13
CA PRO C 181 -29.97 1.22 -22.46
C PRO C 181 -29.43 -0.21 -22.57
N LYS C 182 -29.39 -0.73 -23.81
CA LYS C 182 -28.88 -2.07 -24.05
C LYS C 182 -27.36 -2.10 -23.85
N ARG C 183 -26.63 -1.04 -24.24
CA ARG C 183 -25.18 -0.96 -24.04
C ARG C 183 -24.87 -0.58 -22.59
N LEU C 184 -24.30 -1.52 -21.81
CA LEU C 184 -24.23 -1.36 -20.36
C LEU C 184 -22.79 -1.12 -19.90
N LYS C 185 -22.03 -0.39 -20.72
CA LYS C 185 -20.72 0.12 -20.31
C LYS C 185 -20.94 1.30 -19.36
N TYR C 186 -20.08 1.37 -18.32
CA TYR C 186 -20.25 2.31 -17.22
C TYR C 186 -18.91 2.74 -16.66
N TYR C 187 -18.96 3.86 -15.93
CA TYR C 187 -17.88 4.33 -15.09
C TYR C 187 -18.10 3.81 -13.67
N ARG C 188 -16.99 3.46 -12.98
CA ARG C 188 -17.04 2.88 -11.64
C ARG C 188 -16.17 3.70 -10.69
N PHE C 189 -16.77 4.17 -9.59
CA PHE C 189 -16.03 4.79 -8.50
C PHE C 189 -16.81 4.58 -7.19
N ALA C 190 -16.27 5.09 -6.07
CA ALA C 190 -16.97 5.06 -4.80
C ALA C 190 -17.33 6.48 -4.37
N GLY C 191 -18.41 6.56 -3.58
CA GLY C 191 -18.77 7.85 -3.02
C GLY C 191 -19.88 7.71 -1.98
N SER C 192 -20.80 8.69 -2.00
CA SER C 192 -21.76 8.98 -0.94
C SER C 192 -23.15 9.14 -1.56
N LEU C 193 -24.18 9.19 -0.72
CA LEU C 193 -25.45 9.74 -1.18
C LEU C 193 -25.16 11.21 -1.51
N THR C 194 -25.86 11.78 -2.52
CA THR C 194 -25.72 13.19 -2.88
C THR C 194 -26.62 14.07 -2.01
N THR C 195 -27.30 13.45 -1.03
CA THR C 195 -28.25 14.13 -0.15
C THR C 195 -28.01 13.72 1.30
N PRO C 196 -28.30 14.60 2.29
CA PRO C 196 -27.99 14.30 3.70
C PRO C 196 -28.65 13.03 4.21
N PRO C 197 -27.99 12.21 5.07
CA PRO C 197 -26.68 12.52 5.67
C PRO C 197 -25.40 12.28 4.86
N CYS C 198 -25.52 12.13 3.54
CA CYS C 198 -24.37 12.03 2.67
C CYS C 198 -23.50 10.82 3.03
N THR C 199 -24.15 9.71 3.43
CA THR C 199 -23.48 8.48 3.84
C THR C 199 -22.47 8.01 2.78
N GLU C 200 -21.29 7.61 3.23
CA GLU C 200 -20.33 7.07 2.28
C GLU C 200 -20.52 5.55 2.18
N GLY C 201 -19.62 4.90 1.44
CA GLY C 201 -19.72 3.47 1.20
C GLY C 201 -20.72 3.13 0.12
N VAL C 202 -21.02 4.10 -0.76
CA VAL C 202 -21.91 3.91 -1.91
C VAL C 202 -21.09 3.70 -3.18
N SER C 203 -21.48 2.69 -3.98
CA SER C 203 -20.78 2.38 -5.23
C SER C 203 -21.56 2.92 -6.42
N TRP C 204 -20.87 3.68 -7.28
CA TRP C 204 -21.47 4.41 -8.37
C TRP C 204 -21.05 3.80 -9.70
N LEU C 205 -22.06 3.39 -10.49
CA LEU C 205 -21.91 3.02 -11.88
C LEU C 205 -22.67 4.01 -12.76
N VAL C 206 -21.93 4.89 -13.43
CA VAL C 206 -22.52 5.89 -14.30
C VAL C 206 -22.37 5.41 -15.75
N LEU C 207 -23.51 5.27 -16.44
CA LEU C 207 -23.57 4.67 -17.76
C LEU C 207 -23.07 5.67 -18.81
N LYS C 208 -22.32 5.14 -19.80
CA LYS C 208 -21.71 5.93 -20.88
C LYS C 208 -22.73 6.32 -21.96
N THR C 209 -23.68 5.42 -22.25
CA THR C 209 -24.72 5.71 -23.22
C THR C 209 -25.78 6.64 -22.63
N TYR C 210 -25.83 7.88 -23.16
CA TYR C 210 -26.83 8.87 -22.77
C TYR C 210 -28.21 8.53 -23.33
N ASP C 211 -29.24 8.82 -22.54
CA ASP C 211 -30.61 8.87 -23.01
C ASP C 211 -30.90 10.33 -23.35
N HIS C 212 -32.19 10.69 -23.59
CA HIS C 212 -32.60 12.01 -24.05
C HIS C 212 -33.83 12.53 -23.27
N ILE C 213 -33.91 13.86 -23.10
CA ILE C 213 -35.16 14.57 -22.87
C ILE C 213 -35.10 15.94 -23.54
N ASP C 214 -36.27 16.56 -23.75
CA ASP C 214 -36.40 17.94 -24.23
C ASP C 214 -36.57 18.90 -23.04
N GLN C 215 -36.43 20.22 -23.27
CA GLN C 215 -36.47 21.19 -22.16
C GLN C 215 -37.83 21.11 -21.46
N ALA C 216 -38.90 20.81 -22.19
CA ALA C 216 -40.23 20.78 -21.57
C ALA C 216 -40.28 19.78 -20.41
N GLN C 217 -39.77 18.58 -20.66
CA GLN C 217 -39.73 17.56 -19.64
C GLN C 217 -38.93 18.06 -18.44
N ALA C 218 -37.71 18.58 -18.68
CA ALA C 218 -36.86 19.03 -17.59
C ALA C 218 -37.51 20.20 -16.87
N GLU C 219 -38.11 21.12 -17.64
CA GLU C 219 -38.75 22.28 -17.05
C GLU C 219 -39.85 21.83 -16.10
N LYS C 220 -40.54 20.71 -16.41
CA LYS C 220 -41.68 20.29 -15.62
C LYS C 220 -41.24 19.71 -14.29
N PHE C 221 -40.16 18.93 -14.33
CA PHE C 221 -39.56 18.39 -13.11
C PHE C 221 -39.22 19.56 -12.17
N THR C 222 -38.60 20.63 -12.71
CA THR C 222 -38.09 21.72 -11.90
C THR C 222 -39.27 22.48 -11.28
N ARG C 223 -40.30 22.70 -12.10
CA ARG C 223 -41.53 23.36 -11.65
C ARG C 223 -42.16 22.55 -10.50
N ALA C 224 -42.24 21.22 -10.68
CA ALA C 224 -42.84 20.33 -9.71
C ALA C 224 -42.07 20.32 -8.39
N VAL C 225 -40.74 20.25 -8.49
CA VAL C 225 -39.91 19.95 -7.32
C VAL C 225 -39.70 21.23 -6.51
N GLY C 226 -39.68 22.37 -7.20
CA GLY C 226 -39.55 23.69 -6.58
C GLY C 226 -38.15 24.30 -6.73
N SER C 227 -37.15 23.54 -7.20
CA SER C 227 -35.78 24.02 -7.28
C SER C 227 -34.93 23.11 -8.17
N GLU C 228 -33.68 23.53 -8.40
CA GLU C 228 -32.69 22.71 -9.10
C GLU C 228 -32.02 21.84 -8.05
N ASN C 229 -32.17 20.52 -8.18
CA ASN C 229 -31.90 19.61 -7.07
C ASN C 229 -30.56 18.92 -7.30
N ASN C 230 -29.53 19.72 -7.62
CA ASN C 230 -28.23 19.20 -7.97
C ASN C 230 -27.20 19.75 -6.98
N ARG C 231 -26.28 18.90 -6.54
CA ARG C 231 -25.33 19.23 -5.49
C ARG C 231 -23.95 19.44 -6.15
N PRO C 232 -23.20 20.53 -5.83
CA PRO C 232 -21.91 20.78 -6.47
C PRO C 232 -21.00 19.55 -6.52
N VAL C 233 -20.21 19.47 -7.59
CA VAL C 233 -19.23 18.40 -7.71
C VAL C 233 -18.31 18.43 -6.50
N GLN C 234 -17.82 17.25 -6.12
CA GLN C 234 -17.05 17.04 -4.93
C GLN C 234 -15.68 16.51 -5.33
N PRO C 235 -14.58 16.92 -4.66
CA PRO C 235 -13.24 16.43 -5.00
C PRO C 235 -13.13 14.90 -4.99
N LEU C 236 -12.49 14.35 -6.01
CA LEU C 236 -12.12 12.94 -6.01
C LEU C 236 -11.19 12.58 -4.83
N ASN C 237 -10.24 13.48 -4.52
CA ASN C 237 -9.25 13.22 -3.49
C ASN C 237 -8.45 11.98 -3.90
N ALA C 238 -8.61 10.87 -3.17
CA ALA C 238 -7.71 9.72 -3.29
C ALA C 238 -8.33 8.64 -4.17
N ARG C 239 -9.44 8.96 -4.84
CA ARG C 239 -10.24 7.96 -5.50
C ARG C 239 -9.96 8.02 -7.00
N VAL C 240 -10.08 6.87 -7.64
CA VAL C 240 -9.81 6.69 -9.06
C VAL C 240 -11.13 6.26 -9.69
N VAL C 241 -11.50 6.89 -10.81
CA VAL C 241 -12.64 6.42 -11.58
C VAL C 241 -12.11 5.42 -12.59
N ILE C 242 -12.79 4.28 -12.72
CA ILE C 242 -12.41 3.26 -13.68
C ILE C 242 -13.35 3.39 -14.88
N GLU C 243 -12.71 3.49 -16.05
CA GLU C 243 -13.38 3.59 -17.35
C GLU C 243 -13.48 2.20 -18.00
N THR D 22 14.40 -34.21 7.83
CA THR D 22 14.95 -32.95 7.27
C THR D 22 14.04 -31.77 7.64
N HIS D 23 14.64 -30.61 7.94
CA HIS D 23 13.92 -29.36 8.15
C HIS D 23 13.02 -29.09 6.94
N TRP D 24 11.79 -28.62 7.20
CA TRP D 24 10.90 -28.16 6.15
C TRP D 24 9.99 -27.09 6.75
N GLY D 25 9.43 -26.22 5.91
CA GLY D 25 8.65 -25.08 6.39
C GLY D 25 7.85 -24.41 5.28
N TYR D 26 7.46 -23.17 5.56
CA TYR D 26 6.52 -22.45 4.72
C TYR D 26 7.17 -21.19 4.13
N THR D 27 8.42 -20.91 4.53
CA THR D 27 9.09 -19.67 4.17
C THR D 27 10.53 -19.98 3.75
N GLY D 28 11.06 -19.11 2.88
CA GLY D 28 12.45 -19.15 2.46
C GLY D 28 12.76 -20.32 1.52
N HIS D 29 13.88 -21.02 1.82
CA HIS D 29 14.45 -22.07 0.97
C HIS D 29 13.67 -23.37 1.12
N ASP D 30 12.75 -23.44 2.10
CA ASP D 30 11.91 -24.61 2.34
C ASP D 30 10.46 -24.39 1.93
N SER D 31 10.15 -23.26 1.25
CA SER D 31 8.82 -23.02 0.70
C SER D 31 8.21 -24.38 0.29
N PRO D 32 6.86 -24.51 0.31
CA PRO D 32 6.19 -25.65 -0.32
C PRO D 32 6.67 -26.01 -1.74
N GLU D 33 7.05 -25.02 -2.55
CA GLU D 33 7.49 -25.30 -3.92
C GLU D 33 8.79 -26.11 -3.92
N SER D 34 9.55 -26.08 -2.81
CA SER D 34 10.88 -26.69 -2.77
C SER D 34 10.92 -27.99 -1.96
N TRP D 35 9.76 -28.46 -1.45
CA TRP D 35 9.67 -29.67 -0.62
C TRP D 35 10.12 -30.89 -1.41
N GLY D 36 9.78 -30.93 -2.71
CA GLY D 36 10.11 -32.04 -3.57
C GLY D 36 11.60 -32.34 -3.55
N ASN D 37 12.42 -31.27 -3.44
CA ASN D 37 13.87 -31.36 -3.62
C ASN D 37 14.61 -31.14 -2.30
N LEU D 38 13.95 -31.37 -1.15
CA LEU D 38 14.59 -31.33 0.16
C LEU D 38 15.01 -32.74 0.57
N SER D 39 14.65 -33.75 -0.24
CA SER D 39 14.75 -35.17 0.14
C SER D 39 13.96 -36.06 -0.82
N GLU D 40 14.48 -37.27 -1.06
CA GLU D 40 13.77 -38.30 -1.82
C GLU D 40 12.55 -38.81 -1.04
N GLU D 41 12.51 -38.69 0.31
CA GLU D 41 11.32 -39.04 1.08
C GLU D 41 10.14 -38.19 0.60
N PHE D 42 10.41 -36.94 0.19
CA PHE D 42 9.39 -35.94 -0.04
C PHE D 42 9.12 -35.70 -1.52
N ARG D 43 9.50 -36.63 -2.40
CA ARG D 43 9.52 -36.38 -3.83
C ARG D 43 8.08 -36.28 -4.39
N LEU D 44 7.12 -36.90 -3.68
CA LEU D 44 5.71 -36.91 -4.08
C LEU D 44 5.08 -35.52 -3.94
N CYS D 45 5.73 -34.61 -3.20
CA CYS D 45 5.20 -33.28 -2.97
C CYS D 45 5.23 -32.47 -4.26
N SER D 46 5.94 -32.94 -5.31
CA SER D 46 5.93 -32.27 -6.61
C SER D 46 5.53 -33.19 -7.78
N THR D 47 5.69 -34.52 -7.66
CA THR D 47 5.30 -35.43 -8.73
C THR D 47 3.82 -35.81 -8.61
N GLY D 48 3.25 -35.69 -7.41
CA GLY D 48 1.90 -36.14 -7.12
C GLY D 48 0.86 -35.45 -7.99
N LYS D 49 -0.17 -36.20 -8.42
CA LYS D 49 -1.23 -35.70 -9.28
C LYS D 49 -2.58 -35.73 -8.55
N ASN D 50 -2.63 -36.27 -7.32
CA ASN D 50 -3.82 -36.19 -6.47
C ASN D 50 -3.43 -35.55 -5.15
N GLN D 51 -2.96 -34.30 -5.22
CA GLN D 51 -2.42 -33.59 -4.07
C GLN D 51 -3.50 -32.71 -3.46
N SER D 52 -3.41 -32.56 -2.12
CA SER D 52 -4.20 -31.59 -1.38
C SER D 52 -3.29 -30.43 -0.98
N PRO D 53 -3.80 -29.18 -0.77
CA PRO D 53 -5.22 -28.85 -0.84
C PRO D 53 -5.65 -28.46 -2.24
N VAL D 54 -6.96 -28.29 -2.42
CA VAL D 54 -7.56 -28.02 -3.72
C VAL D 54 -8.55 -26.87 -3.57
N ASN D 55 -8.89 -26.27 -4.73
CA ASN D 55 -9.88 -25.19 -4.83
C ASN D 55 -11.14 -25.77 -5.46
N ILE D 56 -12.21 -25.85 -4.67
CA ILE D 56 -13.43 -26.53 -5.08
C ILE D 56 -14.30 -25.60 -5.89
N THR D 57 -14.11 -25.63 -7.23
CA THR D 57 -14.99 -24.99 -8.20
C THR D 57 -16.18 -25.91 -8.49
N GLU D 58 -16.18 -26.48 -9.70
CA GLU D 58 -17.21 -27.40 -10.12
C GLU D 58 -17.14 -28.68 -9.29
N THR D 59 -18.30 -29.37 -9.25
CA THR D 59 -18.57 -30.51 -8.39
C THR D 59 -19.58 -31.43 -9.06
N VAL D 60 -19.71 -32.65 -8.55
CA VAL D 60 -20.76 -33.55 -9.04
C VAL D 60 -21.70 -33.82 -7.89
N SER D 61 -23.00 -33.66 -8.12
CA SER D 61 -23.99 -33.87 -7.09
C SER D 61 -24.17 -35.38 -6.87
N GLY D 62 -24.12 -35.79 -5.60
CA GLY D 62 -24.09 -37.20 -5.28
C GLY D 62 -24.69 -37.52 -3.91
N LYS D 63 -25.25 -38.74 -3.79
CA LYS D 63 -25.88 -39.26 -2.58
C LYS D 63 -24.83 -39.85 -1.64
N LEU D 64 -24.25 -38.98 -0.80
CA LEU D 64 -23.08 -39.28 0.00
C LEU D 64 -23.53 -39.91 1.31
N PRO D 65 -22.78 -40.91 1.84
CA PRO D 65 -23.16 -41.54 3.10
C PRO D 65 -23.06 -40.46 4.16
N ALA D 66 -24.02 -40.43 5.07
CA ALA D 66 -24.01 -39.48 6.16
C ALA D 66 -22.88 -39.82 7.12
N ILE D 67 -22.37 -38.78 7.82
CA ILE D 67 -21.32 -38.88 8.82
C ILE D 67 -21.95 -39.00 10.21
N LYS D 68 -21.50 -39.99 10.98
CA LYS D 68 -21.91 -40.15 12.36
C LYS D 68 -20.70 -39.86 13.24
N VAL D 69 -20.71 -38.69 13.92
CA VAL D 69 -19.62 -38.34 14.82
C VAL D 69 -19.87 -38.97 16.19
N ASN D 70 -18.80 -39.42 16.81
CA ASN D 70 -18.86 -39.94 18.17
C ASN D 70 -17.61 -39.47 18.87
N TYR D 71 -17.54 -38.16 19.07
CA TYR D 71 -16.47 -37.54 19.82
C TYR D 71 -16.92 -37.45 21.27
N LYS D 72 -15.97 -37.28 22.19
CA LYS D 72 -16.27 -37.29 23.61
C LYS D 72 -15.15 -36.59 24.38
N PRO D 73 -15.40 -36.20 25.65
CA PRO D 73 -14.38 -35.60 26.50
C PRO D 73 -13.22 -36.57 26.66
N SER D 74 -12.04 -36.14 26.24
CA SER D 74 -10.84 -36.95 26.31
C SER D 74 -9.78 -36.13 27.03
N MET D 75 -8.80 -36.81 27.64
CA MET D 75 -7.65 -36.13 28.22
C MET D 75 -6.68 -35.84 27.09
N VAL D 76 -6.54 -34.58 26.70
CA VAL D 76 -5.75 -34.23 25.54
C VAL D 76 -4.70 -33.20 25.93
N ASP D 77 -3.78 -32.91 24.99
CA ASP D 77 -2.84 -31.80 25.13
C ASP D 77 -2.65 -31.07 23.80
N VAL D 78 -2.17 -29.81 23.91
CA VAL D 78 -1.93 -28.90 22.80
C VAL D 78 -0.42 -28.76 22.60
N GLU D 79 0.01 -28.78 21.33
CA GLU D 79 1.42 -28.89 20.97
C GLU D 79 1.80 -27.86 19.91
N ASN D 80 2.94 -27.21 20.10
CA ASN D 80 3.55 -26.40 19.04
C ASN D 80 4.66 -27.23 18.41
N ASN D 81 4.52 -27.61 17.13
CA ASN D 81 5.58 -28.37 16.47
C ASN D 81 6.31 -27.52 15.44
N GLY D 82 6.11 -26.20 15.46
CA GLY D 82 6.78 -25.29 14.54
C GLY D 82 6.07 -25.17 13.20
N HIS D 83 5.02 -26.01 12.99
CA HIS D 83 4.28 -26.06 11.73
C HIS D 83 2.81 -25.73 11.96
N THR D 84 2.27 -26.17 13.10
CA THR D 84 0.88 -25.94 13.48
C THR D 84 0.73 -26.03 15.00
N ILE D 85 -0.43 -25.59 15.49
CA ILE D 85 -0.88 -25.89 16.84
C ILE D 85 -1.84 -27.06 16.73
N GLN D 86 -1.59 -28.13 17.51
CA GLN D 86 -2.20 -29.42 17.28
C GLN D 86 -2.66 -30.01 18.59
N VAL D 87 -3.91 -30.47 18.64
CA VAL D 87 -4.45 -31.13 19.82
C VAL D 87 -4.36 -32.64 19.62
N ASN D 88 -3.56 -33.31 20.46
CA ASN D 88 -3.25 -34.73 20.28
C ASN D 88 -4.15 -35.59 21.17
N TYR D 89 -4.58 -36.72 20.61
CA TYR D 89 -5.30 -37.73 21.36
C TYR D 89 -4.40 -38.93 21.60
N PRO D 90 -3.78 -39.05 22.79
CA PRO D 90 -3.05 -40.26 23.16
C PRO D 90 -3.83 -41.58 23.13
N GLU D 91 -5.17 -41.49 23.09
CA GLU D 91 -6.06 -42.60 23.39
C GLU D 91 -7.21 -42.58 22.38
N GLY D 92 -7.58 -43.75 21.86
CA GLY D 92 -8.73 -43.86 20.97
C GLY D 92 -10.00 -43.51 21.74
N GLY D 93 -11.15 -43.65 21.10
CA GLY D 93 -12.40 -43.39 21.81
C GLY D 93 -13.23 -42.31 21.13
N ASN D 94 -12.54 -41.43 20.40
CA ASN D 94 -13.17 -40.43 19.55
C ASN D 94 -13.19 -40.98 18.12
N THR D 95 -14.38 -41.33 17.63
CA THR D 95 -14.49 -41.93 16.32
C THR D 95 -15.38 -41.09 15.39
N LEU D 96 -15.31 -41.47 14.11
CA LEU D 96 -16.13 -40.91 13.05
C LEU D 96 -16.40 -42.06 12.09
N THR D 97 -17.68 -42.27 11.77
CA THR D 97 -18.09 -43.48 11.08
C THR D 97 -18.81 -43.11 9.78
N VAL D 98 -18.22 -43.50 8.64
CA VAL D 98 -18.83 -43.17 7.36
C VAL D 98 -18.71 -44.36 6.40
N ASN D 99 -19.86 -44.76 5.85
CA ASN D 99 -19.98 -45.85 4.88
C ASN D 99 -19.56 -47.16 5.54
N GLY D 100 -20.08 -47.42 6.76
CA GLY D 100 -19.76 -48.64 7.50
C GLY D 100 -18.45 -48.55 8.27
N ARG D 101 -17.41 -47.97 7.64
CA ARG D 101 -16.05 -47.92 8.18
C ARG D 101 -15.94 -46.91 9.34
N THR D 102 -15.18 -47.26 10.37
CA THR D 102 -14.98 -46.40 11.54
C THR D 102 -13.54 -45.88 11.60
N TYR D 103 -13.42 -44.56 11.83
CA TYR D 103 -12.14 -43.87 11.84
C TYR D 103 -11.86 -43.25 13.21
N THR D 104 -10.68 -43.54 13.76
CA THR D 104 -10.30 -43.05 15.08
C THR D 104 -9.62 -41.70 14.94
N LEU D 105 -10.08 -40.71 15.71
CA LEU D 105 -9.44 -39.41 15.71
C LEU D 105 -8.07 -39.53 16.39
N LYS D 106 -7.02 -39.20 15.63
CA LYS D 106 -5.66 -39.21 16.16
C LYS D 106 -5.30 -37.80 16.67
N GLN D 107 -5.80 -36.76 16.01
CA GLN D 107 -5.44 -35.39 16.34
C GLN D 107 -6.15 -34.41 15.40
N PHE D 108 -6.25 -33.15 15.85
CA PHE D 108 -6.72 -32.05 15.01
C PHE D 108 -5.77 -30.87 15.18
N HIS D 109 -5.68 -30.04 14.14
CA HIS D 109 -4.75 -28.92 14.07
C HIS D 109 -5.29 -27.92 13.05
N PHE D 110 -4.65 -26.75 13.00
CA PHE D 110 -5.20 -25.64 12.25
C PHE D 110 -4.18 -25.14 11.24
N HIS D 111 -4.68 -24.37 10.27
CA HIS D 111 -3.87 -23.62 9.34
C HIS D 111 -4.47 -22.22 9.20
N VAL D 112 -3.59 -21.21 9.17
CA VAL D 112 -3.98 -19.81 8.97
C VAL D 112 -3.08 -19.26 7.86
N PRO D 113 -3.64 -18.78 6.74
CA PRO D 113 -5.09 -18.84 6.47
C PRO D 113 -5.45 -20.28 6.05
N SER D 114 -6.67 -20.48 5.54
CA SER D 114 -7.12 -21.78 5.05
C SER D 114 -6.19 -22.31 3.95
N GLU D 115 -6.24 -23.64 3.73
CA GLU D 115 -5.46 -24.35 2.72
C GLU D 115 -6.37 -24.61 1.51
N ASN D 116 -7.55 -25.18 1.80
CA ASN D 116 -8.58 -25.43 0.81
C ASN D 116 -9.30 -24.11 0.58
N GLN D 117 -10.04 -24.04 -0.55
CA GLN D 117 -10.79 -22.88 -0.97
C GLN D 117 -12.08 -23.32 -1.64
N ILE D 118 -13.17 -22.56 -1.43
CA ILE D 118 -14.40 -22.71 -2.20
C ILE D 118 -14.38 -21.59 -3.23
N LYS D 119 -14.43 -21.95 -4.52
CA LYS D 119 -14.43 -21.00 -5.62
C LYS D 119 -13.46 -19.84 -5.37
N GLY D 120 -12.19 -20.16 -5.11
CA GLY D 120 -11.14 -19.14 -5.08
C GLY D 120 -11.06 -18.38 -3.76
N ARG D 121 -12.11 -18.44 -2.92
CA ARG D 121 -12.12 -17.81 -1.61
C ARG D 121 -11.22 -18.59 -0.65
N THR D 122 -10.29 -17.85 -0.03
CA THR D 122 -9.44 -18.30 1.06
C THR D 122 -10.05 -17.85 2.39
N PHE D 123 -10.18 -18.76 3.37
CA PHE D 123 -10.83 -18.42 4.62
C PHE D 123 -9.73 -18.07 5.63
N PRO D 124 -10.07 -17.28 6.67
CA PRO D 124 -9.07 -16.93 7.67
C PRO D 124 -8.42 -18.13 8.37
N MET D 125 -9.20 -19.20 8.65
CA MET D 125 -8.64 -20.37 9.29
C MET D 125 -9.31 -21.65 8.77
N GLU D 126 -8.58 -22.76 8.88
CA GLU D 126 -9.09 -24.08 8.53
C GLU D 126 -8.55 -25.06 9.57
N ALA D 127 -9.38 -26.03 9.96
CA ALA D 127 -9.00 -27.06 10.93
C ALA D 127 -9.08 -28.44 10.29
N HIS D 128 -8.20 -29.34 10.76
CA HIS D 128 -8.02 -30.64 10.12
C HIS D 128 -8.05 -31.74 11.18
N PHE D 129 -9.17 -32.45 11.22
CA PHE D 129 -9.35 -33.56 12.14
C PHE D 129 -8.89 -34.84 11.46
N VAL D 130 -7.78 -35.42 11.95
CA VAL D 130 -7.12 -36.51 11.25
C VAL D 130 -7.46 -37.83 11.93
N HIS D 131 -7.95 -38.80 11.14
CA HIS D 131 -8.35 -40.11 11.63
C HIS D 131 -7.67 -41.23 10.87
N LEU D 132 -7.57 -42.41 11.53
CA LEU D 132 -7.17 -43.66 10.89
C LEU D 132 -8.20 -44.74 11.19
N ASP D 133 -8.55 -45.54 10.16
CA ASP D 133 -9.40 -46.70 10.36
C ASP D 133 -8.51 -47.87 10.78
N GLU D 134 -9.12 -49.04 11.04
CA GLU D 134 -8.38 -50.13 11.67
C GLU D 134 -7.27 -50.58 10.72
N ASN D 135 -7.50 -50.45 9.39
CA ASN D 135 -6.52 -50.80 8.37
C ASN D 135 -5.49 -49.68 8.12
N LYS D 136 -5.61 -48.54 8.83
CA LYS D 136 -4.69 -47.41 8.73
C LYS D 136 -4.93 -46.52 7.50
N GLN D 137 -6.10 -46.66 6.85
CA GLN D 137 -6.51 -45.70 5.84
C GLN D 137 -6.79 -44.37 6.55
N PRO D 138 -6.13 -43.26 6.15
CA PRO D 138 -6.41 -41.94 6.72
C PRO D 138 -7.61 -41.22 6.10
N LEU D 139 -8.25 -40.41 6.94
CA LEU D 139 -9.39 -39.59 6.56
C LEU D 139 -9.34 -38.29 7.36
N VAL D 140 -9.30 -37.16 6.61
CA VAL D 140 -9.25 -35.81 7.15
C VAL D 140 -10.61 -35.19 6.92
N LEU D 141 -11.27 -34.82 8.03
CA LEU D 141 -12.46 -33.97 8.04
C LEU D 141 -12.02 -32.54 8.29
N ALA D 142 -12.49 -31.63 7.45
CA ALA D 142 -12.00 -30.26 7.48
C ALA D 142 -13.14 -29.33 7.83
N VAL D 143 -12.86 -28.36 8.73
CA VAL D 143 -13.76 -27.24 9.00
C VAL D 143 -13.17 -25.93 8.49
N LEU D 144 -14.02 -25.11 7.86
CA LEU D 144 -13.62 -23.78 7.40
C LEU D 144 -14.25 -22.71 8.29
N TYR D 145 -13.41 -21.74 8.67
CA TYR D 145 -13.79 -20.63 9.54
C TYR D 145 -13.89 -19.32 8.74
N GLU D 146 -15.06 -18.68 8.77
CA GLU D 146 -15.26 -17.34 8.23
C GLU D 146 -14.80 -16.26 9.20
N ALA D 147 -14.72 -15.03 8.69
CA ALA D 147 -14.53 -13.85 9.53
C ALA D 147 -15.82 -13.59 10.33
N GLY D 148 -15.68 -13.42 11.64
CA GLY D 148 -16.79 -13.11 12.54
C GLY D 148 -16.35 -12.86 13.99
N LYS D 149 -17.13 -13.39 14.93
CA LYS D 149 -16.94 -13.13 16.35
C LYS D 149 -15.92 -14.08 16.97
N THR D 150 -15.46 -13.78 18.18
CA THR D 150 -14.67 -14.73 18.96
C THR D 150 -15.36 -16.09 18.85
N ASN D 151 -14.57 -17.13 18.60
CA ASN D 151 -15.06 -18.50 18.70
C ASN D 151 -14.79 -18.96 20.12
N GLY D 152 -15.85 -18.99 20.95
CA GLY D 152 -15.69 -19.23 22.38
C GLY D 152 -15.34 -20.67 22.71
N ARG D 153 -15.54 -21.58 21.72
CA ARG D 153 -15.26 -22.99 21.88
C ARG D 153 -13.78 -23.28 21.64
N LEU D 154 -13.07 -22.32 21.02
CA LEU D 154 -11.62 -22.44 20.79
C LEU D 154 -10.80 -21.75 21.88
N SER D 155 -11.45 -21.09 22.84
CA SER D 155 -10.73 -20.34 23.86
C SER D 155 -10.09 -21.25 24.88
N SER D 156 -10.65 -22.45 25.06
CA SER D 156 -9.94 -23.48 25.80
C SER D 156 -8.54 -23.65 25.21
N ILE D 157 -8.47 -23.85 23.88
CA ILE D 157 -7.22 -24.24 23.26
C ILE D 157 -6.31 -23.02 23.23
N TRP D 158 -6.85 -21.92 22.67
CA TRP D 158 -6.08 -20.73 22.42
C TRP D 158 -5.50 -20.21 23.72
N ASN D 159 -6.32 -20.24 24.77
CA ASN D 159 -5.94 -19.62 26.03
C ASN D 159 -4.68 -20.28 26.58
N VAL D 160 -4.35 -21.51 26.15
CA VAL D 160 -3.21 -22.21 26.71
C VAL D 160 -2.23 -22.64 25.62
N MET D 161 -2.53 -22.22 24.37
CA MET D 161 -1.69 -22.43 23.18
C MET D 161 -0.24 -22.02 23.46
N PRO D 162 0.74 -22.96 23.35
CA PRO D 162 2.14 -22.67 23.60
C PRO D 162 2.72 -21.92 22.42
N MET D 163 3.35 -20.78 22.70
CA MET D 163 3.85 -19.87 21.67
C MET D 163 5.22 -20.32 21.19
N THR D 164 5.75 -21.37 21.82
CA THR D 164 7.02 -21.97 21.43
C THR D 164 6.86 -23.49 21.53
N ALA D 165 7.69 -24.24 20.79
CA ALA D 165 7.70 -25.70 20.80
C ALA D 165 7.44 -26.25 22.19
N GLY D 166 6.57 -27.27 22.29
CA GLY D 166 6.31 -27.98 23.55
C GLY D 166 4.84 -28.37 23.71
N LYS D 167 4.55 -29.18 24.74
CA LYS D 167 3.23 -29.74 24.99
C LYS D 167 2.67 -29.26 26.34
N VAL D 168 1.42 -28.79 26.36
CA VAL D 168 0.72 -28.49 27.60
C VAL D 168 -0.52 -29.39 27.71
N LYS D 169 -0.72 -30.02 28.90
CA LYS D 169 -1.96 -30.68 29.25
C LYS D 169 -3.07 -29.64 29.44
N LEU D 170 -4.11 -29.74 28.62
CA LEU D 170 -5.33 -28.97 28.79
C LEU D 170 -6.00 -29.48 30.06
N ASN D 171 -6.60 -28.58 30.85
CA ASN D 171 -7.02 -28.94 32.20
C ASN D 171 -8.26 -29.83 32.15
N GLN D 172 -9.43 -29.22 31.88
CA GLN D 172 -10.68 -29.96 31.80
C GLN D 172 -10.66 -30.88 30.58
N PRO D 173 -11.17 -32.12 30.74
CA PRO D 173 -11.39 -33.04 29.62
C PRO D 173 -12.14 -32.35 28.48
N PHE D 174 -11.71 -32.64 27.25
CA PHE D 174 -12.06 -31.83 26.10
C PHE D 174 -12.86 -32.61 25.07
N ASP D 175 -14.02 -32.04 24.70
CA ASP D 175 -15.00 -32.65 23.81
C ASP D 175 -15.03 -31.93 22.45
N ALA D 176 -14.50 -32.59 21.41
CA ALA D 176 -14.37 -31.99 20.09
C ALA D 176 -15.70 -31.88 19.35
N SER D 177 -16.77 -32.51 19.87
CA SER D 177 -18.09 -32.43 19.25
C SER D 177 -18.44 -30.99 18.95
N THR D 178 -18.21 -30.14 19.98
CA THR D 178 -18.46 -28.70 19.96
C THR D 178 -17.89 -28.07 18.68
N LEU D 179 -16.73 -28.57 18.22
CA LEU D 179 -15.99 -27.95 17.13
C LEU D 179 -16.63 -28.23 15.77
N LEU D 180 -17.55 -29.20 15.75
CA LEU D 180 -18.25 -29.57 14.52
C LEU D 180 -19.62 -28.92 14.47
N PRO D 181 -20.15 -28.63 13.26
CA PRO D 181 -21.53 -28.15 13.13
C PRO D 181 -22.56 -29.28 13.24
N LYS D 182 -23.84 -28.87 13.37
CA LYS D 182 -24.93 -29.83 13.52
C LYS D 182 -25.25 -30.44 12.16
N ARG D 183 -25.15 -29.61 11.11
CA ARG D 183 -25.28 -30.07 9.72
C ARG D 183 -23.93 -30.58 9.20
N LEU D 184 -23.91 -31.83 8.73
CA LEU D 184 -22.67 -32.52 8.42
C LEU D 184 -22.53 -32.82 6.92
N LYS D 185 -23.16 -31.99 6.06
CA LYS D 185 -23.01 -32.10 4.62
C LYS D 185 -21.58 -31.74 4.21
N TYR D 186 -20.97 -32.59 3.36
CA TYR D 186 -19.55 -32.45 3.03
C TYR D 186 -19.33 -32.55 1.52
N TYR D 187 -18.19 -31.95 1.11
CA TYR D 187 -17.53 -32.23 -0.15
C TYR D 187 -16.55 -33.40 0.03
N ARG D 188 -16.60 -34.39 -0.86
CA ARG D 188 -15.76 -35.58 -0.80
C ARG D 188 -14.85 -35.61 -2.03
N PHE D 189 -13.54 -35.69 -1.79
CA PHE D 189 -12.57 -36.01 -2.84
C PHE D 189 -11.47 -36.86 -2.20
N ALA D 190 -10.59 -37.44 -3.02
CA ALA D 190 -9.41 -38.14 -2.55
C ALA D 190 -8.22 -37.19 -2.68
N GLY D 191 -7.31 -37.20 -1.71
CA GLY D 191 -6.25 -36.23 -1.75
C GLY D 191 -4.97 -36.79 -1.15
N SER D 192 -4.22 -35.90 -0.47
CA SER D 192 -2.94 -36.19 0.17
C SER D 192 -2.84 -35.45 1.50
N LEU D 193 -1.82 -35.78 2.31
CA LEU D 193 -1.34 -34.89 3.36
C LEU D 193 -0.97 -33.57 2.68
N THR D 194 -1.21 -32.44 3.36
CA THR D 194 -0.79 -31.13 2.87
C THR D 194 0.63 -30.77 3.35
N THR D 195 1.28 -31.69 4.09
CA THR D 195 2.63 -31.48 4.59
C THR D 195 3.52 -32.62 4.12
N PRO D 196 4.85 -32.45 4.01
CA PRO D 196 5.73 -33.58 3.70
C PRO D 196 5.53 -34.76 4.65
N PRO D 197 5.60 -36.03 4.18
CA PRO D 197 5.96 -36.39 2.78
C PRO D 197 4.86 -36.25 1.71
N CYS D 198 3.70 -35.75 2.10
CA CYS D 198 2.62 -35.50 1.16
C CYS D 198 2.00 -36.81 0.67
N THR D 199 1.92 -37.82 1.55
CA THR D 199 1.35 -39.11 1.17
C THR D 199 -0.04 -38.93 0.54
N GLU D 200 -0.28 -39.57 -0.62
CA GLU D 200 -1.60 -39.66 -1.22
C GLU D 200 -2.36 -40.79 -0.51
N GLY D 201 -3.62 -41.07 -0.92
CA GLY D 201 -4.43 -42.10 -0.29
C GLY D 201 -5.20 -41.59 0.94
N VAL D 202 -5.63 -40.34 0.87
CA VAL D 202 -6.19 -39.64 2.01
C VAL D 202 -7.59 -39.20 1.60
N SER D 203 -8.61 -39.68 2.34
CA SER D 203 -9.98 -39.28 2.09
C SER D 203 -10.20 -37.88 2.66
N TRP D 204 -10.80 -36.99 1.86
CA TRP D 204 -11.10 -35.62 2.29
C TRP D 204 -12.60 -35.41 2.32
N LEU D 205 -13.09 -35.06 3.52
CA LEU D 205 -14.46 -34.65 3.76
C LEU D 205 -14.45 -33.19 4.24
N VAL D 206 -14.85 -32.24 3.37
CA VAL D 206 -14.85 -30.81 3.73
C VAL D 206 -16.27 -30.34 4.00
N LEU D 207 -16.52 -29.84 5.22
CA LEU D 207 -17.86 -29.49 5.67
C LEU D 207 -18.35 -28.23 4.97
N LYS D 208 -19.53 -28.32 4.36
CA LYS D 208 -20.20 -27.21 3.69
C LYS D 208 -20.40 -26.01 4.63
N THR D 209 -20.83 -26.28 5.87
CA THR D 209 -21.17 -25.28 6.88
C THR D 209 -19.91 -24.69 7.55
N TYR D 210 -19.81 -23.35 7.62
CA TYR D 210 -18.61 -22.70 8.17
C TYR D 210 -18.79 -22.33 9.64
N ASP D 211 -17.67 -22.35 10.40
CA ASP D 211 -17.60 -21.80 11.75
C ASP D 211 -17.17 -20.33 11.63
N HIS D 212 -16.59 -19.73 12.69
CA HIS D 212 -16.12 -18.35 12.65
C HIS D 212 -14.91 -18.18 13.58
N ILE D 213 -14.05 -17.16 13.32
CA ILE D 213 -13.02 -16.67 14.23
C ILE D 213 -12.77 -15.19 13.97
N ASP D 214 -11.99 -14.54 14.89
CA ASP D 214 -11.49 -13.18 14.74
C ASP D 214 -10.16 -13.12 14.00
N GLN D 215 -9.72 -11.88 13.72
CA GLN D 215 -8.36 -11.61 13.26
C GLN D 215 -7.34 -11.88 14.35
N ALA D 216 -7.74 -11.60 15.61
CA ALA D 216 -6.90 -11.68 16.80
C ALA D 216 -6.54 -13.12 17.15
N GLN D 217 -7.58 -13.98 17.21
CA GLN D 217 -7.42 -15.42 17.28
C GLN D 217 -6.50 -15.88 16.16
N ALA D 218 -6.81 -15.49 14.92
CA ALA D 218 -5.99 -15.91 13.80
C ALA D 218 -4.54 -15.43 13.99
N GLU D 219 -4.38 -14.18 14.47
CA GLU D 219 -3.05 -13.58 14.59
C GLU D 219 -2.20 -14.22 15.70
N LYS D 220 -2.87 -14.72 16.74
CA LYS D 220 -2.17 -15.34 17.86
C LYS D 220 -1.68 -16.71 17.44
N PHE D 221 -2.50 -17.39 16.62
CA PHE D 221 -2.12 -18.66 16.06
C PHE D 221 -0.82 -18.46 15.30
N THR D 222 -0.81 -17.49 14.36
CA THR D 222 0.33 -17.27 13.49
C THR D 222 1.56 -16.81 14.28
N ARG D 223 1.35 -15.99 15.32
CA ARG D 223 2.44 -15.59 16.20
C ARG D 223 3.04 -16.82 16.89
N ALA D 224 2.19 -17.77 17.29
CA ALA D 224 2.65 -19.00 17.93
C ALA D 224 3.53 -19.79 16.98
N VAL D 225 3.06 -20.03 15.76
CA VAL D 225 3.71 -20.92 14.81
C VAL D 225 4.89 -20.20 14.16
N GLY D 226 4.75 -18.87 14.01
CA GLY D 226 5.79 -18.02 13.48
C GLY D 226 5.81 -17.98 11.95
N SER D 227 4.69 -18.35 11.30
CA SER D 227 4.50 -18.11 9.86
C SER D 227 3.14 -18.60 9.33
N GLU D 228 2.69 -18.00 8.23
CA GLU D 228 1.62 -18.56 7.41
C GLU D 228 1.91 -20.04 7.22
N ASN D 229 0.88 -20.90 7.37
CA ASN D 229 1.09 -22.34 7.38
C ASN D 229 0.12 -23.04 6.42
N ASN D 230 -0.16 -22.40 5.29
CA ASN D 230 -1.02 -22.97 4.27
C ASN D 230 -0.19 -23.32 3.04
N ARG D 231 -0.49 -24.49 2.48
CA ARG D 231 0.09 -24.90 1.22
C ARG D 231 -0.75 -24.35 0.06
N PRO D 232 -0.12 -23.88 -1.04
CA PRO D 232 -0.86 -23.40 -2.23
C PRO D 232 -1.65 -24.55 -2.82
N VAL D 233 -2.86 -24.22 -3.33
CA VAL D 233 -3.82 -25.22 -3.76
C VAL D 233 -3.22 -25.96 -4.94
N GLN D 234 -3.64 -27.21 -5.12
CA GLN D 234 -3.07 -28.13 -6.08
C GLN D 234 -4.11 -28.41 -7.18
N PRO D 235 -3.69 -28.72 -8.43
CA PRO D 235 -4.63 -29.17 -9.46
C PRO D 235 -5.38 -30.46 -9.10
N LEU D 236 -6.65 -30.48 -9.49
CA LEU D 236 -7.54 -31.61 -9.29
C LEU D 236 -7.27 -32.73 -10.30
N ASN D 237 -6.86 -32.34 -11.51
CA ASN D 237 -6.51 -33.29 -12.56
C ASN D 237 -7.71 -34.21 -12.79
N ALA D 238 -7.53 -35.53 -12.66
CA ALA D 238 -8.59 -36.47 -13.01
C ALA D 238 -9.67 -36.55 -11.94
N ARG D 239 -9.43 -35.91 -10.77
CA ARG D 239 -10.31 -36.06 -9.61
C ARG D 239 -11.61 -35.30 -9.82
N VAL D 240 -12.68 -35.80 -9.18
CA VAL D 240 -13.96 -35.13 -9.10
C VAL D 240 -14.32 -34.96 -7.63
N VAL D 241 -15.12 -33.92 -7.35
CA VAL D 241 -15.57 -33.56 -6.02
C VAL D 241 -17.09 -33.77 -5.96
N ILE D 242 -17.53 -34.67 -5.08
CA ILE D 242 -18.95 -34.92 -4.91
C ILE D 242 -19.48 -33.95 -3.85
N GLU D 243 -20.77 -33.58 -3.98
CA GLU D 243 -21.47 -32.76 -3.01
C GLU D 243 -22.80 -33.41 -2.61
#